data_5YMU
#
_entry.id   5YMU
#
_cell.length_a   131.396
_cell.length_b   131.396
_cell.length_c   123.592
_cell.angle_alpha   90.00
_cell.angle_beta   90.00
_cell.angle_gamma   120.00
#
_symmetry.space_group_name_H-M   'H 3'
#
loop_
_entity.id
_entity.type
_entity.pdbx_description
1 polymer 'Outer capsid protein VP4'
2 non-polymer GLYCEROL
3 water water
#
_entity_poly.entity_id   1
_entity_poly.type   'polypeptide(L)'
_entity_poly.pdbx_seq_one_letter_code
;VLDGPYQPTRFKPPNDYWILLSPTNQQVVLEGTNRTDVWVALLLVEPNVTNQSRQYTLFGETKQITVENNTNKWKFYEMF
RNSASAEFQHKRTLTSDTKLAGFLKHGGRVWTFYGETPHATTDYSSTSNLSEVETVIRTEFYIIPRSQESKCNEYINTGL
;
_entity_poly.pdbx_strand_id   A,B,C,D
#
loop_
_chem_comp.id
_chem_comp.type
_chem_comp.name
_chem_comp.formula
GOL non-polymer GLYCEROL 'C3 H8 O3'
#
# COMPACT_ATOMS: atom_id res chain seq x y z
N VAL A 1 -20.27 -11.34 -23.24
CA VAL A 1 -19.26 -10.29 -23.29
C VAL A 1 -18.85 -9.85 -21.89
N LEU A 2 -19.82 -9.38 -21.11
CA LEU A 2 -19.53 -8.87 -19.77
C LEU A 2 -19.94 -9.86 -18.69
N ASP A 3 -18.99 -10.70 -18.28
CA ASP A 3 -19.26 -11.72 -17.27
C ASP A 3 -18.95 -11.18 -15.87
N GLY A 4 -19.98 -11.02 -15.04
CA GLY A 4 -19.79 -10.51 -13.70
C GLY A 4 -21.03 -9.79 -13.17
N PRO A 5 -20.89 -9.09 -12.03
CA PRO A 5 -19.63 -8.92 -11.30
C PRO A 5 -19.24 -10.11 -10.43
N TYR A 6 -17.93 -10.36 -10.34
CA TYR A 6 -17.38 -11.34 -9.41
C TYR A 6 -16.87 -10.63 -8.17
N GLN A 7 -16.87 -11.34 -7.05
CA GLN A 7 -16.36 -10.82 -5.78
C GLN A 7 -14.83 -10.93 -5.75
N PRO A 8 -14.17 -10.14 -4.87
CA PRO A 8 -12.71 -10.24 -4.71
C PRO A 8 -12.23 -11.67 -4.57
N THR A 9 -11.13 -12.01 -5.23
CA THR A 9 -10.68 -13.38 -5.23
C THR A 9 -9.22 -13.46 -5.63
N ARG A 10 -8.63 -14.62 -5.40
CA ARG A 10 -7.26 -14.89 -5.83
C ARG A 10 -7.29 -16.03 -6.85
N PHE A 11 -6.78 -15.78 -8.05
CA PHE A 11 -6.72 -16.84 -9.07
C PHE A 11 -5.73 -16.48 -10.17
N LYS A 12 -5.41 -17.45 -11.02
CA LYS A 12 -4.60 -17.18 -12.21
C LYS A 12 -5.56 -16.97 -13.38
N PRO A 13 -5.70 -15.71 -13.83
CA PRO A 13 -6.61 -15.44 -14.94
C PRO A 13 -6.18 -16.18 -16.20
N PRO A 14 -7.15 -16.75 -16.91
CA PRO A 14 -6.81 -17.40 -18.19
C PRO A 14 -6.26 -16.38 -19.17
N ASN A 15 -5.39 -16.83 -20.06
CA ASN A 15 -4.92 -15.99 -21.15
C ASN A 15 -6.10 -15.49 -21.98
N ASP A 16 -5.94 -14.30 -22.55
CA ASP A 16 -6.90 -13.72 -23.48
C ASP A 16 -8.26 -13.44 -22.83
N TYR A 17 -8.25 -13.10 -21.55
CA TYR A 17 -9.41 -12.53 -20.89
C TYR A 17 -9.02 -11.31 -20.08
N TRP A 18 -9.62 -10.17 -20.42
CA TRP A 18 -9.52 -8.95 -19.62
C TRP A 18 -10.24 -9.11 -18.29
N ILE A 19 -9.54 -8.71 -17.23
CA ILE A 19 -10.16 -8.48 -15.93
C ILE A 19 -10.47 -6.99 -15.84
N LEU A 20 -11.75 -6.67 -15.73
CA LEU A 20 -12.20 -5.29 -15.58
C LEU A 20 -12.48 -5.03 -14.10
N LEU A 21 -11.61 -4.24 -13.47
CA LEU A 21 -11.66 -3.95 -12.04
C LEU A 21 -12.54 -2.74 -11.74
N SER A 22 -13.48 -2.94 -10.80
CA SER A 22 -14.44 -1.91 -10.41
C SER A 22 -14.37 -1.61 -8.91
N PRO A 23 -13.34 -0.87 -8.47
CA PRO A 23 -13.18 -0.58 -7.05
C PRO A 23 -14.23 0.39 -6.49
N THR A 24 -14.43 0.34 -5.19
CA THR A 24 -15.13 1.40 -4.48
C THR A 24 -14.09 2.33 -3.86
N ASN A 25 -13.48 1.90 -2.76
CA ASN A 25 -12.49 2.72 -2.07
C ASN A 25 -11.23 1.97 -1.64
N GLN A 26 -10.99 0.80 -2.23
CA GLN A 26 -9.83 -0.02 -1.87
C GLN A 26 -8.53 0.72 -2.18
N GLN A 27 -7.56 0.63 -1.28
CA GLN A 27 -6.26 1.29 -1.48
C GLN A 27 -5.43 0.53 -2.51
N VAL A 28 -5.46 -0.79 -2.42
CA VAL A 28 -4.81 -1.65 -3.38
C VAL A 28 -5.86 -2.48 -4.10
N VAL A 29 -5.93 -2.33 -5.42
CA VAL A 29 -6.97 -2.94 -6.23
C VAL A 29 -6.57 -4.32 -6.75
N LEU A 30 -5.30 -4.47 -7.08
CA LEU A 30 -4.80 -5.73 -7.64
C LEU A 30 -3.35 -5.93 -7.25
N GLU A 31 -2.99 -7.18 -6.94
CA GLU A 31 -1.61 -7.58 -6.73
C GLU A 31 -1.33 -8.83 -7.57
N GLY A 32 -0.46 -8.71 -8.56
CA GLY A 32 -0.22 -9.83 -9.45
C GLY A 32 1.24 -10.23 -9.48
N THR A 33 1.52 -11.52 -9.43
CA THR A 33 2.90 -11.99 -9.50
C THR A 33 3.02 -13.44 -9.96
N ASN A 34 4.16 -13.75 -10.58
CA ASN A 34 4.51 -15.14 -10.89
C ASN A 34 5.68 -15.61 -10.05
N ARG A 35 6.10 -14.77 -9.11
CA ARG A 35 7.24 -15.03 -8.23
C ARG A 35 8.56 -15.25 -8.97
N THR A 36 8.66 -14.77 -10.21
CA THR A 36 9.93 -14.85 -10.92
C THR A 36 10.33 -13.50 -11.51
N ASP A 37 9.56 -12.99 -12.48
CA ASP A 37 9.95 -11.73 -13.10
C ASP A 37 8.83 -10.70 -13.22
N VAL A 38 7.69 -10.96 -12.57
CA VAL A 38 6.60 -9.99 -12.55
C VAL A 38 6.04 -9.80 -11.14
N TRP A 39 6.13 -8.58 -10.63
CA TRP A 39 5.32 -8.13 -9.50
C TRP A 39 4.66 -6.83 -9.93
N VAL A 40 3.33 -6.84 -10.03
CA VAL A 40 2.58 -5.64 -10.40
C VAL A 40 1.48 -5.38 -9.37
N ALA A 41 1.35 -4.12 -8.97
CA ALA A 41 0.27 -3.74 -8.07
C ALA A 41 -0.38 -2.46 -8.56
N LEU A 42 -1.71 -2.43 -8.51
CA LEU A 42 -2.44 -1.21 -8.85
C LEU A 42 -2.94 -0.55 -7.57
N LEU A 43 -2.51 0.69 -7.34
CA LEU A 43 -2.97 1.46 -6.19
C LEU A 43 -4.03 2.44 -6.64
N LEU A 44 -5.00 2.74 -5.77
CA LEU A 44 -6.05 3.69 -6.12
C LEU A 44 -5.95 4.95 -5.27
N VAL A 45 -5.80 6.09 -5.95
CA VAL A 45 -5.69 7.39 -5.30
C VAL A 45 -6.89 8.24 -5.66
N GLU A 46 -7.62 8.69 -4.64
CA GLU A 46 -8.85 9.46 -4.82
C GLU A 46 -8.55 10.86 -5.35
N PRO A 47 -9.60 11.59 -5.81
CA PRO A 47 -9.37 12.94 -6.34
C PRO A 47 -8.78 13.91 -5.32
N ASN A 48 -8.02 14.88 -5.83
CA ASN A 48 -7.53 16.02 -5.05
C ASN A 48 -6.75 15.63 -3.79
N VAL A 49 -5.70 14.85 -4.01
CA VAL A 49 -4.82 14.41 -2.94
C VAL A 49 -3.49 15.15 -3.07
N THR A 50 -3.16 15.94 -2.05
CA THR A 50 -1.89 16.64 -2.04
C THR A 50 -0.78 15.61 -1.90
N ASN A 51 0.36 15.86 -2.55
CA ASN A 51 1.46 14.89 -2.55
C ASN A 51 1.93 14.57 -1.15
N GLN A 52 1.89 13.27 -0.86
CA GLN A 52 2.10 12.73 0.49
C GLN A 52 2.53 11.28 0.43
N SER A 53 3.20 10.80 1.46
CA SER A 53 3.59 9.40 1.53
C SER A 53 2.49 8.59 2.19
N ARG A 54 2.09 7.50 1.54
CA ARG A 54 1.05 6.63 2.08
C ARG A 54 1.59 5.21 2.24
N GLN A 55 1.03 4.48 3.19
CA GLN A 55 1.45 3.11 3.40
C GLN A 55 0.54 2.16 2.64
N TYR A 56 1.15 1.19 1.98
CA TYR A 56 0.42 0.14 1.28
C TYR A 56 1.02 -1.20 1.61
N THR A 57 0.19 -2.24 1.73
CA THR A 57 0.73 -3.57 1.89
C THR A 57 0.73 -4.27 0.53
N LEU A 58 1.92 -4.52 -0.01
CA LEU A 58 2.07 -5.19 -1.29
C LEU A 58 2.77 -6.52 -1.11
N PHE A 59 2.09 -7.59 -1.52
CA PHE A 59 2.62 -8.95 -1.42
C PHE A 59 3.13 -9.25 -0.01
N GLY A 60 2.36 -8.80 0.98
CA GLY A 60 2.67 -9.09 2.36
C GLY A 60 3.67 -8.16 3.01
N GLU A 61 4.11 -7.13 2.29
CA GLU A 61 5.10 -6.21 2.86
C GLU A 61 4.61 -4.78 2.89
N THR A 62 4.87 -4.07 3.99
CA THR A 62 4.51 -2.67 4.06
C THR A 62 5.49 -1.82 3.26
N LYS A 63 4.96 -0.99 2.39
CA LYS A 63 5.74 -0.08 1.59
C LYS A 63 5.24 1.33 1.82
N GLN A 64 6.15 2.30 1.79
CA GLN A 64 5.77 3.69 1.82
C GLN A 64 5.93 4.22 0.41
N ILE A 65 4.84 4.72 -0.15
CA ILE A 65 4.83 5.18 -1.54
C ILE A 65 4.24 6.58 -1.60
N THR A 66 4.95 7.48 -2.27
CA THR A 66 4.51 8.86 -2.39
C THR A 66 3.51 8.99 -3.53
N VAL A 67 2.33 9.48 -3.21
CA VAL A 67 1.29 9.68 -4.21
C VAL A 67 0.80 11.12 -4.25
N GLU A 68 0.17 11.47 -5.37
CA GLU A 68 -0.34 12.80 -5.62
C GLU A 68 -1.43 12.71 -6.67
N ASN A 69 -2.50 13.48 -6.49
CA ASN A 69 -3.54 13.53 -7.50
C ASN A 69 -4.19 14.91 -7.49
N ASN A 70 -3.65 15.81 -8.32
CA ASN A 70 -4.19 17.17 -8.37
C ASN A 70 -5.32 17.31 -9.37
N THR A 71 -6.07 16.24 -9.59
CA THR A 71 -7.18 16.26 -10.52
C THR A 71 -8.50 15.90 -9.83
N ASN A 72 -9.60 16.09 -10.56
CA ASN A 72 -10.90 15.65 -10.08
C ASN A 72 -11.19 14.22 -10.52
N LYS A 73 -10.20 13.56 -11.10
CA LYS A 73 -10.31 12.17 -11.49
C LYS A 73 -9.62 11.26 -10.48
N TRP A 74 -9.88 9.96 -10.59
CA TRP A 74 -9.18 8.96 -9.78
C TRP A 74 -7.90 8.57 -10.49
N LYS A 75 -6.86 8.21 -9.74
CA LYS A 75 -5.64 7.75 -10.38
C LYS A 75 -5.29 6.34 -9.93
N PHE A 76 -5.06 5.46 -10.89
CA PHE A 76 -4.50 4.15 -10.60
C PHE A 76 -2.97 4.23 -10.81
N TYR A 77 -2.22 4.05 -9.73
CA TYR A 77 -0.76 3.94 -9.81
C TYR A 77 -0.39 2.52 -10.15
N GLU A 78 0.31 2.31 -11.25
CA GLU A 78 0.84 0.99 -11.55
C GLU A 78 2.28 0.90 -11.08
N MET A 79 2.44 0.13 -9.99
CA MET A 79 3.72 -0.18 -9.35
C MET A 79 4.26 -1.49 -9.89
N PHE A 80 5.56 -1.56 -10.15
CA PHE A 80 6.11 -2.72 -10.84
C PHE A 80 7.55 -3.01 -10.42
N ARG A 81 7.88 -4.29 -10.39
CA ARG A 81 9.28 -4.70 -10.35
C ARG A 81 9.42 -6.04 -11.06
N ASN A 82 10.63 -6.35 -11.54
CA ASN A 82 10.85 -7.59 -12.26
C ASN A 82 11.75 -8.58 -11.51
N SER A 83 12.01 -8.31 -10.24
CA SER A 83 12.70 -9.29 -9.39
C SER A 83 12.27 -9.15 -7.94
N ALA A 84 12.35 -10.24 -7.18
CA ALA A 84 11.90 -10.22 -5.79
C ALA A 84 12.73 -9.30 -4.90
N SER A 85 13.97 -9.04 -5.30
CA SER A 85 14.90 -8.25 -4.49
C SER A 85 14.73 -6.75 -4.70
N ALA A 86 14.08 -6.37 -5.80
CA ALA A 86 14.00 -4.96 -6.17
C ALA A 86 12.93 -4.20 -5.40
N GLU A 87 13.06 -2.89 -5.33
CA GLU A 87 11.99 -2.04 -4.84
C GLU A 87 11.01 -1.77 -5.98
N PHE A 88 9.77 -1.44 -5.65
CA PHE A 88 8.79 -1.11 -6.68
C PHE A 88 9.03 0.26 -7.27
N GLN A 89 8.85 0.38 -8.57
CA GLN A 89 8.87 1.69 -9.21
C GLN A 89 7.46 2.01 -9.70
N HIS A 90 7.12 3.29 -9.70
CA HIS A 90 5.87 3.75 -10.28
C HIS A 90 6.03 3.73 -11.80
N LYS A 91 5.48 2.71 -12.43
CA LYS A 91 5.74 2.45 -13.84
C LYS A 91 4.77 3.20 -14.74
N ARG A 92 3.48 3.15 -14.39
CA ARG A 92 2.48 3.86 -15.22
C ARG A 92 1.38 4.48 -14.37
N THR A 93 0.56 5.31 -14.99
CA THR A 93 -0.59 5.88 -14.31
C THR A 93 -1.82 5.90 -15.21
N LEU A 94 -2.95 5.47 -14.65
CA LEU A 94 -4.21 5.58 -15.37
C LEU A 94 -5.10 6.61 -14.67
N THR A 95 -5.37 7.72 -15.34
CA THR A 95 -6.17 8.79 -14.74
C THR A 95 -7.58 8.72 -15.32
N SER A 96 -8.57 8.57 -14.45
CA SER A 96 -9.87 8.04 -14.85
C SER A 96 -11.06 8.66 -14.14
N ASP A 97 -12.10 9.04 -14.87
CA ASP A 97 -13.34 9.45 -14.21
C ASP A 97 -14.36 8.30 -14.19
N THR A 98 -13.97 7.15 -14.72
CA THR A 98 -14.84 5.98 -14.71
C THR A 98 -14.54 5.06 -13.53
N LYS A 99 -13.37 5.24 -12.93
CA LYS A 99 -12.89 4.41 -11.82
C LYS A 99 -12.82 2.93 -12.18
N LEU A 100 -12.47 2.63 -13.44
CA LEU A 100 -12.28 1.26 -13.87
C LEU A 100 -10.85 1.02 -14.33
N ALA A 101 -10.33 -0.17 -14.05
CA ALA A 101 -8.98 -0.51 -14.54
C ALA A 101 -9.01 -1.88 -15.17
N GLY A 102 -7.92 -2.28 -15.84
CA GLY A 102 -7.90 -3.56 -16.51
C GLY A 102 -6.62 -4.32 -16.35
N PHE A 103 -6.70 -5.65 -16.47
CA PHE A 103 -5.53 -6.51 -16.41
C PHE A 103 -5.72 -7.63 -17.42
N LEU A 104 -4.73 -7.88 -18.26
CA LEU A 104 -4.84 -8.94 -19.25
C LEU A 104 -3.55 -9.73 -19.40
N LYS A 105 -3.64 -11.05 -19.52
CA LYS A 105 -2.49 -11.85 -19.90
C LYS A 105 -2.62 -12.27 -21.36
N HIS A 106 -1.63 -11.91 -22.18
CA HIS A 106 -1.64 -12.30 -23.58
C HIS A 106 -0.29 -12.12 -24.24
N GLY A 107 0.06 -13.06 -25.13
CA GLY A 107 1.24 -12.95 -25.96
C GLY A 107 2.52 -12.75 -25.18
N GLY A 108 2.69 -13.53 -24.12
CA GLY A 108 3.88 -13.46 -23.30
C GLY A 108 4.00 -12.16 -22.54
N ARG A 109 2.88 -11.43 -22.43
CA ARG A 109 2.89 -10.14 -21.75
C ARG A 109 1.74 -9.93 -20.83
N VAL A 110 1.97 -9.06 -19.84
CA VAL A 110 0.91 -8.56 -18.99
C VAL A 110 0.51 -7.16 -19.48
N TRP A 111 -0.78 -6.94 -19.70
CA TRP A 111 -1.26 -5.69 -20.24
C TRP A 111 -2.14 -4.93 -19.25
N THR A 112 -1.93 -3.61 -19.22
CA THR A 112 -2.74 -2.71 -18.40
C THR A 112 -3.12 -1.46 -19.21
N PHE A 113 -4.07 -0.69 -18.69
CA PHE A 113 -4.40 0.61 -19.30
C PHE A 113 -3.64 1.74 -18.62
N TYR A 114 -3.31 2.77 -19.39
CA TYR A 114 -2.69 3.97 -18.85
C TYR A 114 -3.08 5.18 -19.70
N GLY A 115 -2.71 6.37 -19.23
CA GLY A 115 -3.11 7.60 -19.89
C GLY A 115 -4.30 8.19 -19.18
N GLU A 116 -5.06 9.05 -19.86
CA GLU A 116 -6.22 9.67 -19.23
C GLU A 116 -7.50 9.42 -20.02
N THR A 117 -8.55 9.03 -19.33
CA THR A 117 -9.86 8.84 -19.95
C THR A 117 -10.32 10.17 -20.57
N PRO A 118 -11.03 10.12 -21.70
CA PRO A 118 -11.52 8.94 -22.40
C PRO A 118 -10.55 8.45 -23.47
N HIS A 119 -9.26 8.74 -23.30
CA HIS A 119 -8.26 8.36 -24.30
C HIS A 119 -7.20 7.43 -23.72
N ALA A 120 -7.57 6.64 -22.72
CA ALA A 120 -6.64 5.68 -22.15
C ALA A 120 -6.36 4.57 -23.16
N THR A 121 -5.14 4.06 -23.14
CA THR A 121 -4.79 2.97 -24.06
C THR A 121 -3.97 1.93 -23.30
N THR A 122 -3.62 0.84 -23.95
CA THR A 122 -2.94 -0.22 -23.22
C THR A 122 -1.43 -0.24 -23.45
N ASP A 123 -0.72 -0.85 -22.51
CA ASP A 123 0.72 -1.03 -22.60
C ASP A 123 1.06 -2.33 -21.87
N TYR A 124 2.29 -2.80 -22.06
CA TYR A 124 2.69 -4.13 -21.60
C TYR A 124 3.88 -4.12 -20.65
N SER A 125 4.00 -5.21 -19.89
CA SER A 125 5.23 -5.59 -19.22
C SER A 125 5.59 -6.99 -19.73
N SER A 126 6.87 -7.20 -19.99
CA SER A 126 7.35 -8.47 -20.54
C SER A 126 7.52 -9.52 -19.45
N THR A 127 7.32 -10.78 -19.81
CA THR A 127 7.63 -11.86 -18.89
C THR A 127 7.97 -13.15 -19.64
N SER A 128 8.84 -13.96 -19.05
CA SER A 128 9.17 -15.27 -19.59
C SER A 128 8.28 -16.34 -18.98
N ASN A 129 7.39 -15.92 -18.09
CA ASN A 129 6.63 -16.84 -17.26
C ASN A 129 5.18 -16.37 -17.09
N LEU A 130 4.51 -16.10 -18.20
CA LEU A 130 3.18 -15.50 -18.18
C LEU A 130 2.13 -16.36 -17.47
N SER A 131 2.14 -17.67 -17.76
CA SER A 131 1.08 -18.56 -17.31
C SER A 131 1.00 -18.65 -15.79
N GLU A 132 2.11 -18.37 -15.11
CA GLU A 132 2.12 -18.46 -13.66
C GLU A 132 1.78 -17.15 -12.97
N VAL A 133 1.41 -16.12 -13.74
CA VAL A 133 1.01 -14.88 -13.11
C VAL A 133 -0.36 -15.03 -12.47
N GLU A 134 -0.37 -14.91 -11.14
CA GLU A 134 -1.57 -15.02 -10.34
C GLU A 134 -1.95 -13.65 -9.81
N THR A 135 -3.25 -13.36 -9.78
CA THR A 135 -3.74 -12.09 -9.30
C THR A 135 -4.62 -12.23 -8.06
N VAL A 136 -4.27 -11.46 -7.04
CA VAL A 136 -5.17 -11.17 -5.94
C VAL A 136 -5.93 -9.90 -6.31
N ILE A 137 -7.21 -10.07 -6.59
CA ILE A 137 -8.09 -8.98 -6.96
C ILE A 137 -8.91 -8.61 -5.74
N ARG A 138 -8.80 -7.35 -5.33
CA ARG A 138 -9.38 -6.92 -4.06
C ARG A 138 -10.68 -6.15 -4.24
N THR A 139 -11.14 -6.10 -5.48
CA THR A 139 -12.36 -5.38 -5.83
C THR A 139 -13.34 -6.30 -6.53
N GLU A 140 -14.55 -5.81 -6.74
CA GLU A 140 -15.45 -6.48 -7.67
C GLU A 140 -14.82 -6.38 -9.06
N PHE A 141 -15.07 -7.39 -9.89
CA PHE A 141 -14.54 -7.36 -11.25
C PHE A 141 -15.42 -8.10 -12.24
N TYR A 142 -15.16 -7.84 -13.51
CA TYR A 142 -15.81 -8.52 -14.61
C TYR A 142 -14.78 -9.20 -15.47
N ILE A 143 -15.22 -10.16 -16.27
CA ILE A 143 -14.34 -10.87 -17.20
C ILE A 143 -14.83 -10.63 -18.62
N ILE A 144 -13.94 -10.15 -19.49
CA ILE A 144 -14.28 -9.85 -20.88
C ILE A 144 -13.31 -10.55 -21.83
N PRO A 145 -13.80 -11.28 -22.84
CA PRO A 145 -12.86 -11.93 -23.76
C PRO A 145 -12.01 -10.91 -24.51
N ARG A 146 -10.75 -11.25 -24.78
CA ARG A 146 -9.86 -10.35 -25.50
C ARG A 146 -10.41 -9.96 -26.87
N SER A 147 -11.12 -10.90 -27.51
CA SER A 147 -11.77 -10.63 -28.79
C SER A 147 -12.72 -9.43 -28.70
N GLN A 148 -13.22 -9.18 -27.48
CA GLN A 148 -14.12 -8.06 -27.24
C GLN A 148 -13.42 -6.86 -26.62
N GLU A 149 -12.14 -6.69 -26.93
CA GLU A 149 -11.38 -5.59 -26.34
C GLU A 149 -11.99 -4.23 -26.66
N SER A 150 -12.62 -4.10 -27.83
CA SER A 150 -13.31 -2.87 -28.18
C SER A 150 -14.29 -2.45 -27.09
N LYS A 151 -15.00 -3.44 -26.54
CA LYS A 151 -15.93 -3.17 -25.44
C LYS A 151 -15.15 -2.81 -24.17
N CYS A 152 -14.12 -3.58 -23.86
CA CYS A 152 -13.36 -3.34 -22.64
C CYS A 152 -12.81 -1.92 -22.66
N ASN A 153 -12.20 -1.55 -23.78
CA ASN A 153 -11.70 -0.21 -23.98
C ASN A 153 -12.79 0.82 -23.72
N GLU A 154 -13.96 0.59 -24.31
CA GLU A 154 -15.09 1.49 -24.15
C GLU A 154 -15.40 1.67 -22.66
N TYR A 155 -15.48 0.55 -21.95
CA TYR A 155 -15.84 0.57 -20.54
C TYR A 155 -14.78 1.33 -19.74
N ILE A 156 -13.51 1.10 -20.10
CA ILE A 156 -12.43 1.77 -19.40
C ILE A 156 -12.58 3.27 -19.58
N ASN A 157 -12.97 3.69 -20.79
CA ASN A 157 -12.84 5.11 -21.10
C ASN A 157 -14.11 5.92 -20.89
N THR A 158 -15.26 5.29 -20.96
CA THR A 158 -16.52 6.02 -20.83
C THR A 158 -17.45 5.43 -19.76
N GLY A 159 -17.10 4.26 -19.24
CA GLY A 159 -17.79 3.70 -18.09
C GLY A 159 -18.83 2.62 -18.38
N LEU A 160 -19.35 2.03 -17.31
CA LEU A 160 -20.43 1.07 -17.42
C LEU A 160 -21.78 1.77 -17.37
N VAL B 1 11.73 59.17 0.44
CA VAL B 1 12.18 58.62 1.71
C VAL B 1 12.86 57.27 1.52
N LEU B 2 12.40 56.53 0.53
CA LEU B 2 12.71 55.11 0.39
C LEU B 2 14.16 54.80 0.05
N ASP B 3 14.72 53.86 0.81
CA ASP B 3 15.99 53.24 0.47
C ASP B 3 15.78 52.34 -0.73
N GLY B 4 16.06 52.87 -1.92
CA GLY B 4 15.84 52.16 -3.16
C GLY B 4 15.43 53.12 -4.26
N PRO B 5 15.02 52.61 -5.43
CA PRO B 5 14.88 51.17 -5.70
C PRO B 5 16.20 50.46 -5.99
N TYR B 6 16.30 49.20 -5.56
CA TYR B 6 17.42 48.35 -5.88
C TYR B 6 17.04 47.42 -7.02
N GLN B 7 18.03 46.99 -7.79
CA GLN B 7 17.77 46.08 -8.91
C GLN B 7 17.66 44.65 -8.41
N PRO B 8 17.03 43.76 -9.22
CA PRO B 8 16.95 42.34 -8.86
C PRO B 8 18.29 41.78 -8.42
N THR B 9 18.28 40.95 -7.39
CA THR B 9 19.52 40.45 -6.83
C THR B 9 19.27 39.25 -5.95
N ARG B 10 20.33 38.50 -5.64
CA ARG B 10 20.25 37.39 -4.70
C ARG B 10 21.06 37.72 -3.46
N PHE B 11 20.41 37.79 -2.31
CA PHE B 11 21.18 38.03 -1.08
C PHE B 11 20.41 37.59 0.15
N LYS B 12 21.10 37.52 1.29
CA LYS B 12 20.45 37.22 2.56
C LYS B 12 20.05 38.53 3.23
N PRO B 13 18.75 38.82 3.26
CA PRO B 13 18.32 40.08 3.88
C PRO B 13 18.61 40.08 5.36
N PRO B 14 19.05 41.23 5.89
CA PRO B 14 19.26 41.33 7.34
C PRO B 14 17.94 41.26 8.08
N ASN B 15 17.96 40.74 9.30
CA ASN B 15 16.78 40.77 10.13
C ASN B 15 16.24 42.19 10.33
N ASP B 16 14.92 42.29 10.47
CA ASP B 16 14.24 43.53 10.82
C ASP B 16 14.31 44.61 9.73
N TYR B 17 14.42 44.15 8.49
CA TYR B 17 14.23 45.03 7.33
C TYR B 17 13.25 44.39 6.36
N TRP B 18 12.17 45.11 6.06
CA TRP B 18 11.24 44.73 5.02
C TRP B 18 11.83 44.92 3.64
N ILE B 19 11.69 43.90 2.81
CA ILE B 19 11.92 44.01 1.39
C ILE B 19 10.57 44.30 0.75
N LEU B 20 10.44 45.48 0.16
CA LEU B 20 9.23 45.90 -0.53
C LEU B 20 9.42 45.66 -2.02
N LEU B 21 8.73 44.66 -2.54
CA LEU B 21 8.85 44.22 -3.92
C LEU B 21 7.92 44.99 -4.85
N SER B 22 8.51 45.51 -5.92
CA SER B 22 7.80 46.29 -6.92
C SER B 22 7.92 45.69 -8.33
N PRO B 23 7.15 44.63 -8.60
CA PRO B 23 7.23 43.98 -9.92
C PRO B 23 6.63 44.78 -11.07
N THR B 24 7.04 44.43 -12.28
CA THR B 24 6.35 44.89 -13.47
C THR B 24 5.44 43.77 -13.96
N ASN B 25 6.02 42.73 -14.54
CA ASN B 25 5.25 41.59 -15.01
C ASN B 25 5.95 40.26 -14.80
N GLN B 26 6.93 40.22 -13.89
CA GLN B 26 7.65 38.98 -13.58
C GLN B 26 6.69 37.90 -13.10
N GLN B 27 6.92 36.67 -13.54
CA GLN B 27 6.06 35.54 -13.16
C GLN B 27 6.35 35.13 -11.73
N VAL B 28 7.63 35.09 -11.40
CA VAL B 28 8.10 34.80 -10.05
C VAL B 28 8.79 36.04 -9.52
N VAL B 29 8.28 36.55 -8.39
CA VAL B 29 8.76 37.80 -7.83
C VAL B 29 9.87 37.56 -6.82
N LEU B 30 9.76 36.48 -6.07
CA LEU B 30 10.71 36.18 -5.01
C LEU B 30 10.82 34.67 -4.77
N GLU B 31 12.04 34.22 -4.53
CA GLU B 31 12.29 32.84 -4.10
C GLU B 31 13.17 32.86 -2.87
N GLY B 32 12.66 32.44 -1.72
CA GLY B 32 13.44 32.46 -0.50
C GLY B 32 13.61 31.09 0.11
N THR B 33 14.83 30.76 0.54
CA THR B 33 15.06 29.47 1.18
C THR B 33 16.31 29.48 2.07
N ASN B 34 16.28 28.65 3.11
CA ASN B 34 17.47 28.37 3.90
C ASN B 34 17.97 26.96 3.61
N ARG B 35 17.31 26.31 2.65
CA ARG B 35 17.58 24.95 2.22
C ARG B 35 17.45 23.90 3.35
N THR B 36 16.74 24.24 4.41
CA THR B 36 16.48 23.26 5.47
C THR B 36 14.98 23.11 5.76
N ASP B 37 14.32 24.17 6.21
CA ASP B 37 12.90 24.03 6.55
C ASP B 37 12.03 25.18 6.02
N VAL B 38 12.58 26.02 5.15
CA VAL B 38 11.81 27.08 4.53
C VAL B 38 12.08 27.16 3.03
N TRP B 39 11.03 26.99 2.23
CA TRP B 39 11.02 27.36 0.82
C TRP B 39 9.77 28.18 0.58
N VAL B 40 9.94 29.45 0.21
CA VAL B 40 8.80 30.31 -0.07
C VAL B 40 8.99 31.00 -1.43
N ALA B 41 7.95 30.94 -2.27
CA ALA B 41 7.98 31.62 -3.55
C ALA B 41 6.72 32.47 -3.72
N LEU B 42 6.89 33.68 -4.24
CA LEU B 42 5.75 34.52 -4.55
C LEU B 42 5.54 34.57 -6.06
N LEU B 43 4.40 34.06 -6.51
CA LEU B 43 4.04 34.08 -7.93
C LEU B 43 3.12 35.25 -8.19
N LEU B 44 3.21 35.85 -9.36
CA LEU B 44 2.38 37.00 -9.69
C LEU B 44 1.45 36.67 -10.85
N VAL B 45 0.16 36.84 -10.61
CA VAL B 45 -0.86 36.56 -11.60
C VAL B 45 -1.64 37.84 -11.91
N GLU B 46 -1.75 38.17 -13.20
CA GLU B 46 -2.38 39.41 -13.64
C GLU B 46 -3.92 39.36 -13.47
N PRO B 47 -4.59 40.52 -13.58
CA PRO B 47 -6.04 40.52 -13.39
C PRO B 47 -6.80 39.68 -14.42
N ASN B 48 -7.94 39.16 -14.02
CA ASN B 48 -8.88 38.46 -14.90
C ASN B 48 -8.26 37.31 -15.68
N VAL B 49 -7.75 36.34 -14.93
CA VAL B 49 -7.15 35.15 -15.50
C VAL B 49 -8.00 33.94 -15.21
N THR B 50 -8.45 33.26 -16.26
CA THR B 50 -9.26 32.06 -16.11
C THR B 50 -8.40 30.92 -15.58
N ASN B 51 -9.02 30.03 -14.82
CA ASN B 51 -8.32 28.90 -14.19
C ASN B 51 -7.47 28.15 -15.21
N GLN B 52 -6.18 28.03 -14.93
CA GLN B 52 -5.26 27.42 -15.89
C GLN B 52 -3.95 26.98 -15.25
N SER B 53 -3.27 26.03 -15.87
CA SER B 53 -1.99 25.57 -15.36
C SER B 53 -0.87 26.39 -16.01
N ARG B 54 0.03 26.90 -15.18
CA ARG B 54 1.18 27.67 -15.68
C ARG B 54 2.46 27.06 -15.18
N GLN B 55 3.54 27.22 -15.96
CA GLN B 55 4.84 26.70 -15.58
C GLN B 55 5.67 27.75 -14.83
N TYR B 56 6.23 27.35 -13.70
CA TYR B 56 7.10 28.22 -12.93
C TYR B 56 8.38 27.48 -12.55
N THR B 57 9.52 28.13 -12.70
CA THR B 57 10.76 27.53 -12.24
C THR B 57 11.07 28.03 -10.83
N LEU B 58 10.98 27.13 -9.86
CA LEU B 58 11.20 27.47 -8.46
C LEU B 58 12.41 26.72 -7.92
N PHE B 59 13.40 27.48 -7.46
CA PHE B 59 14.64 26.90 -6.93
C PHE B 59 15.23 25.85 -7.88
N GLY B 60 15.26 26.19 -9.17
CA GLY B 60 15.87 25.33 -10.18
C GLY B 60 15.00 24.16 -10.59
N GLU B 61 13.80 24.07 -10.02
CA GLU B 61 12.89 22.97 -10.28
C GLU B 61 11.70 23.43 -11.12
N THR B 62 11.39 22.70 -12.18
CA THR B 62 10.24 23.05 -13.02
C THR B 62 8.93 22.56 -12.40
N LYS B 63 8.00 23.48 -12.16
CA LYS B 63 6.73 23.12 -11.55
C LYS B 63 5.55 23.56 -12.42
N GLN B 64 4.47 22.78 -12.36
CA GLN B 64 3.20 23.16 -12.96
C GLN B 64 2.24 23.53 -11.84
N ILE B 65 1.73 24.75 -11.87
CA ILE B 65 0.88 25.25 -10.80
C ILE B 65 -0.39 25.87 -11.38
N THR B 66 -1.53 25.48 -10.83
CA THR B 66 -2.81 25.98 -11.32
C THR B 66 -3.15 27.31 -10.65
N VAL B 67 -3.37 28.32 -11.47
CA VAL B 67 -3.68 29.65 -10.96
C VAL B 67 -4.98 30.16 -11.57
N GLU B 68 -5.52 31.19 -10.93
CA GLU B 68 -6.79 31.77 -11.29
C GLU B 68 -6.89 33.15 -10.66
N ASN B 69 -7.45 34.11 -11.37
CA ASN B 69 -7.65 35.43 -10.77
C ASN B 69 -8.88 36.09 -11.35
N ASN B 70 -10.01 35.89 -10.68
CA ASN B 70 -11.27 36.45 -11.14
C ASN B 70 -11.50 37.85 -10.56
N THR B 71 -10.44 38.62 -10.43
CA THR B 71 -10.54 39.99 -9.92
C THR B 71 -9.88 40.99 -10.86
N ASN B 72 -10.11 42.26 -10.60
CA ASN B 72 -9.46 43.33 -11.36
C ASN B 72 -8.14 43.76 -10.71
N LYS B 73 -7.70 42.98 -9.73
CA LYS B 73 -6.43 43.26 -9.06
C LYS B 73 -5.41 42.17 -9.37
N TRP B 74 -4.16 42.46 -9.04
CA TRP B 74 -3.09 41.49 -9.18
C TRP B 74 -3.12 40.51 -8.01
N LYS B 75 -2.70 39.27 -8.25
CA LYS B 75 -2.68 38.30 -7.17
C LYS B 75 -1.29 37.73 -6.98
N PHE B 76 -0.79 37.82 -5.75
CA PHE B 76 0.43 37.15 -5.35
C PHE B 76 0.07 35.82 -4.68
N TYR B 77 0.48 34.72 -5.31
CA TYR B 77 0.39 33.39 -4.71
C TYR B 77 1.60 33.17 -3.84
N GLU B 78 1.39 32.93 -2.54
CA GLU B 78 2.47 32.52 -1.67
C GLU B 78 2.48 31.00 -1.59
N MET B 79 3.46 30.42 -2.29
CA MET B 79 3.76 28.98 -2.31
C MET B 79 4.80 28.65 -1.26
N PHE B 80 4.62 27.52 -0.57
CA PHE B 80 5.46 27.21 0.57
C PHE B 80 5.68 25.71 0.73
N ARG B 81 6.87 25.34 1.19
CA ARG B 81 7.08 23.98 1.68
C ARG B 81 8.17 24.04 2.76
N ASN B 82 8.18 23.05 3.65
CA ASN B 82 9.18 23.03 4.72
C ASN B 82 10.19 21.89 4.62
N SER B 83 10.24 21.22 3.47
CA SER B 83 11.27 20.21 3.24
C SER B 83 11.60 20.09 1.76
N ALA B 84 12.85 19.73 1.47
CA ALA B 84 13.34 19.65 0.10
C ALA B 84 12.59 18.62 -0.74
N SER B 85 12.04 17.61 -0.08
CA SER B 85 11.39 16.50 -0.79
C SER B 85 9.90 16.73 -1.02
N ALA B 86 9.35 17.77 -0.36
CA ALA B 86 7.92 18.05 -0.48
C ALA B 86 7.61 18.83 -1.74
N GLU B 87 6.34 18.82 -2.15
CA GLU B 87 5.89 19.70 -3.22
C GLU B 87 5.37 20.98 -2.60
N PHE B 88 5.33 22.04 -3.40
CA PHE B 88 4.84 23.32 -2.91
C PHE B 88 3.34 23.31 -2.72
N GLN B 89 2.89 24.01 -1.68
CA GLN B 89 1.48 24.23 -1.48
C GLN B 89 1.16 25.72 -1.51
N HIS B 90 0.02 26.06 -2.08
CA HIS B 90 -0.47 27.44 -2.06
C HIS B 90 -0.91 27.75 -0.64
N LYS B 91 -0.10 28.55 0.06
CA LYS B 91 -0.31 28.77 1.49
C LYS B 91 -1.16 29.99 1.73
N ARG B 92 -0.81 31.10 1.07
CA ARG B 92 -1.56 32.34 1.31
C ARG B 92 -1.69 33.13 0.02
N THR B 93 -2.58 34.12 0.00
CA THR B 93 -2.73 34.99 -1.17
C THR B 93 -2.75 36.46 -0.78
N LEU B 94 -2.10 37.29 -1.59
CA LEU B 94 -2.24 38.74 -1.45
C LEU B 94 -2.89 39.30 -2.72
N THR B 95 -4.04 39.96 -2.58
CA THR B 95 -4.72 40.54 -3.74
C THR B 95 -4.56 42.06 -3.68
N SER B 96 -4.06 42.65 -4.76
CA SER B 96 -3.49 44.00 -4.69
C SER B 96 -3.73 44.88 -5.92
N ASP B 97 -4.17 46.11 -5.70
CA ASP B 97 -4.20 47.06 -6.81
C ASP B 97 -2.96 47.95 -6.82
N THR B 98 -2.03 47.71 -5.90
CA THR B 98 -0.79 48.47 -5.85
C THR B 98 0.37 47.74 -6.51
N LYS B 99 0.21 46.42 -6.69
CA LYS B 99 1.26 45.56 -7.22
C LYS B 99 2.53 45.58 -6.38
N LEU B 100 2.39 45.70 -5.07
CA LEU B 100 3.54 45.65 -4.19
C LEU B 100 3.42 44.46 -3.24
N ALA B 101 4.55 43.85 -2.91
CA ALA B 101 4.52 42.76 -1.92
C ALA B 101 5.66 42.94 -0.93
N GLY B 102 5.74 42.08 0.07
CA GLY B 102 6.75 42.26 1.10
C GLY B 102 7.33 40.97 1.65
N PHE B 103 8.57 41.07 2.12
CA PHE B 103 9.24 39.94 2.76
C PHE B 103 10.00 40.45 3.96
N LEU B 104 9.89 39.78 5.10
CA LEU B 104 10.62 40.20 6.29
C LEU B 104 11.15 39.04 7.11
N LYS B 105 12.41 39.12 7.54
CA LYS B 105 12.92 38.15 8.51
C LYS B 105 12.90 38.79 9.89
N HIS B 106 12.18 38.19 10.83
CA HIS B 106 12.08 38.77 12.17
C HIS B 106 11.59 37.76 13.20
N GLY B 107 12.22 37.78 14.38
CA GLY B 107 11.76 36.98 15.50
C GLY B 107 11.62 35.50 15.21
N GLY B 108 12.58 34.95 14.47
CA GLY B 108 12.60 33.53 14.18
C GLY B 108 11.52 33.14 13.18
N ARG B 109 10.98 34.13 12.49
CA ARG B 109 9.91 33.88 11.53
C ARG B 109 10.12 34.64 10.23
N VAL B 110 9.53 34.11 9.17
CA VAL B 110 9.48 34.78 7.87
C VAL B 110 8.09 35.38 7.68
N TRP B 111 8.02 36.67 7.40
CA TRP B 111 6.76 37.37 7.29
C TRP B 111 6.45 37.81 5.88
N THR B 112 5.17 37.70 5.52
CA THR B 112 4.65 38.17 4.24
C THR B 112 3.34 38.91 4.46
N PHE B 113 2.91 39.66 3.46
CA PHE B 113 1.59 40.26 3.49
C PHE B 113 0.57 39.35 2.80
N TYR B 114 -0.67 39.40 3.29
CA TYR B 114 -1.75 38.63 2.71
C TYR B 114 -3.06 39.41 2.87
N GLY B 115 -4.10 38.94 2.18
CA GLY B 115 -5.40 39.58 2.25
C GLY B 115 -5.64 40.39 0.99
N GLU B 116 -6.38 41.48 1.13
CA GLU B 116 -6.68 42.33 -0.01
C GLU B 116 -6.48 43.81 0.34
N THR B 117 -5.79 44.53 -0.54
CA THR B 117 -5.62 45.96 -0.35
C THR B 117 -7.00 46.62 -0.38
N PRO B 118 -7.18 47.70 0.40
CA PRO B 118 -6.21 48.37 1.26
C PRO B 118 -6.18 47.84 2.70
N HIS B 119 -6.55 46.57 2.90
CA HIS B 119 -6.60 46.00 4.24
C HIS B 119 -5.71 44.77 4.41
N ALA B 120 -4.61 44.74 3.66
CA ALA B 120 -3.68 43.62 3.76
C ALA B 120 -2.94 43.69 5.09
N THR B 121 -2.64 42.52 5.65
CA THR B 121 -1.90 42.48 6.92
C THR B 121 -0.82 41.41 6.85
N THR B 122 -0.06 41.23 7.93
CA THR B 122 1.08 40.32 7.86
C THR B 122 0.80 38.98 8.54
N ASP B 123 1.46 37.94 8.04
CA ASP B 123 1.44 36.64 8.69
C ASP B 123 2.81 35.97 8.50
N TYR B 124 3.05 34.88 9.23
CA TYR B 124 4.39 34.31 9.29
C TYR B 124 4.44 32.83 8.95
N SER B 125 5.65 32.37 8.68
CA SER B 125 5.99 30.95 8.64
C SER B 125 7.15 30.76 9.60
N SER B 126 7.17 29.62 10.27
CA SER B 126 8.16 29.34 11.30
C SER B 126 9.40 28.70 10.72
N THR B 127 10.52 28.84 11.44
CA THR B 127 11.76 28.24 11.03
C THR B 127 12.67 28.10 12.23
N SER B 128 13.57 27.12 12.19
CA SER B 128 14.61 26.99 13.20
C SER B 128 15.94 27.49 12.66
N ASN B 129 15.91 28.07 11.46
CA ASN B 129 17.12 28.46 10.76
C ASN B 129 16.90 29.75 9.97
N LEU B 130 16.49 30.80 10.67
CA LEU B 130 16.12 32.05 10.02
C LEU B 130 17.29 32.76 9.35
N SER B 131 18.44 32.82 10.02
CA SER B 131 19.56 33.61 9.52
C SER B 131 20.04 33.17 8.14
N GLU B 132 19.82 31.90 7.81
CA GLU B 132 20.30 31.36 6.55
C GLU B 132 19.29 31.49 5.42
N VAL B 133 18.14 32.11 5.71
CA VAL B 133 17.15 32.34 4.66
C VAL B 133 17.66 33.40 3.69
N GLU B 134 17.88 32.97 2.45
CA GLU B 134 18.38 33.81 1.38
C GLU B 134 17.31 34.01 0.32
N THR B 135 17.23 35.21 -0.23
CA THR B 135 16.20 35.53 -1.22
C THR B 135 16.77 35.91 -2.59
N VAL B 136 16.24 35.26 -3.62
CA VAL B 136 16.37 35.72 -4.99
C VAL B 136 15.20 36.65 -5.24
N ILE B 137 15.50 37.94 -5.37
CA ILE B 137 14.50 38.94 -5.68
C ILE B 137 14.58 39.24 -7.17
N ARG B 138 13.48 39.01 -7.88
CA ARG B 138 13.49 39.11 -9.34
C ARG B 138 12.90 40.43 -9.82
N THR B 139 12.62 41.31 -8.89
CA THR B 139 12.01 42.60 -9.20
C THR B 139 12.86 43.72 -8.62
N GLU B 140 12.53 44.95 -9.00
CA GLU B 140 13.05 46.10 -8.29
C GLU B 140 12.47 46.07 -6.87
N PHE B 141 13.23 46.59 -5.90
CA PHE B 141 12.73 46.58 -4.54
C PHE B 141 13.27 47.73 -3.69
N TYR B 142 12.61 47.94 -2.55
CA TYR B 142 13.05 48.94 -1.57
C TYR B 142 13.29 48.24 -0.25
N ILE B 143 14.10 48.86 0.60
CA ILE B 143 14.34 48.32 1.93
C ILE B 143 13.80 49.29 2.97
N ILE B 144 12.92 48.79 3.85
CA ILE B 144 12.29 49.62 4.87
C ILE B 144 12.49 49.03 6.26
N PRO B 145 13.07 49.80 7.19
CA PRO B 145 13.28 49.27 8.55
C PRO B 145 11.97 48.83 9.21
N ARG B 146 12.04 47.80 10.04
CA ARG B 146 10.84 47.28 10.69
C ARG B 146 10.20 48.34 11.58
N SER B 147 11.00 49.24 12.14
CA SER B 147 10.46 50.33 12.95
C SER B 147 9.58 51.26 12.12
N GLN B 148 9.75 51.20 10.81
CA GLN B 148 8.90 51.97 9.89
C GLN B 148 7.89 51.06 9.18
N GLU B 149 7.48 49.98 9.82
CA GLU B 149 6.53 49.05 9.20
C GLU B 149 5.23 49.76 8.83
N SER B 150 4.84 50.75 9.63
CA SER B 150 3.63 51.51 9.37
C SER B 150 3.67 52.14 7.97
N LYS B 151 4.85 52.55 7.54
CA LYS B 151 5.04 53.07 6.19
C LYS B 151 4.91 51.94 5.16
N CYS B 152 5.59 50.83 5.44
CA CYS B 152 5.55 49.68 4.54
C CYS B 152 4.11 49.25 4.33
N ASN B 153 3.39 49.10 5.44
CA ASN B 153 1.99 48.73 5.40
C ASN B 153 1.19 49.71 4.56
N GLU B 154 1.53 50.99 4.65
CA GLU B 154 0.83 52.00 3.85
C GLU B 154 1.13 51.78 2.37
N TYR B 155 2.41 51.56 2.05
CA TYR B 155 2.81 51.37 0.66
C TYR B 155 2.14 50.13 0.08
N ILE B 156 2.20 49.04 0.83
CA ILE B 156 1.51 47.82 0.44
C ILE B 156 0.05 48.09 0.11
N ASN B 157 -0.62 48.92 0.91
CA ASN B 157 -2.07 49.01 0.81
C ASN B 157 -2.57 50.17 -0.05
N THR B 158 -1.79 51.24 -0.15
CA THR B 158 -2.22 52.42 -0.89
C THR B 158 -1.24 52.84 -1.97
N GLY B 159 -0.07 52.21 -1.99
CA GLY B 159 0.86 52.37 -3.11
C GLY B 159 1.95 53.40 -2.91
N LEU B 160 2.84 53.49 -3.90
CA LEU B 160 3.90 54.47 -3.91
C LEU B 160 3.55 55.67 -4.78
N VAL C 1 36.63 -33.32 -11.29
CA VAL C 1 36.92 -31.88 -11.27
C VAL C 1 35.81 -31.30 -10.40
N LEU C 2 34.66 -31.97 -10.38
CA LEU C 2 33.50 -31.45 -9.70
C LEU C 2 33.51 -31.93 -8.25
N ASP C 3 33.65 -30.99 -7.33
CA ASP C 3 33.79 -31.36 -5.92
C ASP C 3 32.49 -31.92 -5.34
N GLY C 4 32.43 -33.24 -5.23
CA GLY C 4 31.25 -33.93 -4.74
C GLY C 4 31.13 -35.32 -5.33
N PRO C 5 30.02 -36.01 -5.06
CA PRO C 5 28.90 -35.53 -4.26
C PRO C 5 29.11 -35.71 -2.76
N TYR C 6 28.63 -34.76 -1.98
CA TYR C 6 28.65 -34.85 -0.54
C TYR C 6 27.30 -35.31 -0.01
N GLN C 7 27.30 -35.93 1.16
CA GLN C 7 26.08 -36.41 1.79
C GLN C 7 25.36 -35.29 2.54
N PRO C 8 24.06 -35.45 2.80
CA PRO C 8 23.30 -34.47 3.57
C PRO C 8 23.99 -34.13 4.89
N THR C 9 24.02 -32.85 5.22
CA THR C 9 24.77 -32.41 6.40
C THR C 9 24.35 -31.02 6.83
N ARG C 10 24.73 -30.66 8.04
CA ARG C 10 24.49 -29.33 8.56
C ARG C 10 25.83 -28.63 8.70
N PHE C 11 26.00 -27.52 8.01
CA PHE C 11 27.23 -26.77 8.18
C PHE C 11 27.09 -25.34 7.68
N LYS C 12 28.08 -24.52 7.99
CA LYS C 12 28.14 -23.14 7.53
C LYS C 12 28.97 -23.06 6.27
N PRO C 13 28.32 -22.94 5.10
CA PRO C 13 29.10 -22.87 3.85
C PRO C 13 30.02 -21.66 3.85
N PRO C 14 31.27 -21.86 3.40
CA PRO C 14 32.15 -20.70 3.30
C PRO C 14 31.65 -19.74 2.21
N ASN C 15 31.95 -18.45 2.37
CA ASN C 15 31.64 -17.48 1.34
C ASN C 15 32.24 -17.87 -0.02
N ASP C 16 31.58 -17.47 -1.09
CA ASP C 16 32.07 -17.63 -2.46
C ASP C 16 32.20 -19.08 -2.91
N TYR C 17 31.35 -19.93 -2.35
CA TYR C 17 31.21 -21.30 -2.84
C TYR C 17 29.74 -21.64 -3.03
N TRP C 18 29.39 -22.00 -4.26
CA TRP C 18 28.05 -22.51 -4.58
C TRP C 18 27.86 -23.91 -4.04
N ILE C 19 26.74 -24.08 -3.33
CA ILE C 19 26.21 -25.39 -3.00
C ILE C 19 25.23 -25.79 -4.08
N LEU C 20 25.59 -26.82 -4.84
CA LEU C 20 24.74 -27.37 -5.88
C LEU C 20 23.95 -28.56 -5.35
N LEU C 21 22.66 -28.35 -5.13
CA LEU C 21 21.76 -29.34 -4.55
C LEU C 21 21.19 -30.28 -5.59
N SER C 22 21.38 -31.58 -5.33
CA SER C 22 20.90 -32.65 -6.21
C SER C 22 19.93 -33.57 -5.47
N PRO C 23 18.67 -33.15 -5.35
CA PRO C 23 17.65 -33.92 -4.65
C PRO C 23 17.17 -35.14 -5.43
N THR C 24 16.61 -36.10 -4.70
CA THR C 24 15.87 -37.19 -5.32
C THR C 24 14.38 -36.90 -5.18
N ASN C 25 13.84 -37.15 -4.00
CA ASN C 25 12.42 -36.87 -3.74
C ASN C 25 12.18 -36.17 -2.40
N GLN C 26 13.22 -35.57 -1.83
CA GLN C 26 13.07 -34.87 -0.55
C GLN C 26 12.07 -33.73 -0.66
N GLN C 27 11.25 -33.56 0.36
CA GLN C 27 10.25 -32.49 0.38
C GLN C 27 10.90 -31.14 0.63
N VAL C 28 11.81 -31.13 1.58
CA VAL C 28 12.59 -29.93 1.91
C VAL C 28 14.04 -30.21 1.57
N VAL C 29 14.58 -29.40 0.67
CA VAL C 29 15.92 -29.62 0.15
C VAL C 29 16.99 -28.92 0.99
N LEU C 30 16.65 -27.73 1.48
CA LEU C 30 17.62 -26.92 2.20
C LEU C 30 16.89 -26.02 3.20
N GLU C 31 17.50 -25.85 4.38
CA GLU C 31 17.01 -24.90 5.37
C GLU C 31 18.20 -24.06 5.83
N GLY C 32 18.17 -22.77 5.54
CA GLY C 32 19.29 -21.92 5.90
C GLY C 32 18.85 -20.79 6.80
N THR C 33 19.64 -20.51 7.83
CA THR C 33 19.34 -19.39 8.72
C THR C 33 20.53 -18.92 9.53
N ASN C 34 20.50 -17.64 9.90
CA ASN C 34 21.48 -17.09 10.83
C ASN C 34 20.85 -16.72 12.17
N ARG C 35 19.57 -17.08 12.34
CA ARG C 35 18.80 -16.80 13.54
C ARG C 35 18.66 -15.29 13.84
N THR C 36 18.83 -14.45 12.84
CA THR C 36 18.60 -13.02 13.04
C THR C 36 17.72 -12.43 11.94
N ASP C 37 18.19 -12.43 10.70
CA ASP C 37 17.41 -11.80 9.64
C ASP C 37 17.28 -12.61 8.35
N VAL C 38 17.73 -13.86 8.38
CA VAL C 38 17.55 -14.75 7.24
C VAL C 38 17.03 -16.13 7.67
N TRP C 39 15.84 -16.47 7.17
CA TRP C 39 15.37 -17.86 7.17
C TRP C 39 14.95 -18.19 5.76
N VAL C 40 15.65 -19.11 5.11
CA VAL C 40 15.30 -19.51 3.75
C VAL C 40 15.14 -21.03 3.68
N ALA C 41 14.06 -21.46 3.04
CA ALA C 41 13.84 -22.89 2.85
C ALA C 41 13.44 -23.17 1.41
N LEU C 42 14.06 -24.18 0.82
CA LEU C 42 13.69 -24.62 -0.52
C LEU C 42 12.84 -25.88 -0.43
N LEU C 43 11.63 -25.80 -0.96
CA LEU C 43 10.72 -26.95 -1.00
C LEU C 43 10.69 -27.51 -2.41
N LEU C 44 10.62 -28.82 -2.53
CA LEU C 44 10.57 -29.44 -3.86
C LEU C 44 9.20 -30.03 -4.13
N VAL C 45 8.61 -29.64 -5.25
CA VAL C 45 7.28 -30.11 -5.65
C VAL C 45 7.37 -30.78 -7.01
N GLU C 46 6.94 -32.03 -7.07
CA GLU C 46 7.03 -32.84 -8.28
C GLU C 46 6.13 -32.31 -9.41
N PRO C 47 6.36 -32.77 -10.65
CA PRO C 47 5.54 -32.27 -11.76
C PRO C 47 4.06 -32.60 -11.62
N ASN C 48 3.22 -31.75 -12.22
CA ASN C 48 1.78 -31.99 -12.34
C ASN C 48 1.08 -32.23 -11.01
N VAL C 49 1.20 -31.26 -10.12
CA VAL C 49 0.55 -31.33 -8.82
C VAL C 49 -0.58 -30.31 -8.75
N THR C 50 -1.80 -30.81 -8.49
CA THR C 50 -2.94 -29.93 -8.34
C THR C 50 -2.78 -29.15 -7.04
N ASN C 51 -3.34 -27.94 -7.03
CA ASN C 51 -3.25 -27.05 -5.88
C ASN C 51 -3.67 -27.75 -4.59
N GLN C 52 -2.78 -27.77 -3.60
CA GLN C 52 -3.06 -28.48 -2.37
C GLN C 52 -2.20 -27.98 -1.21
N SER C 53 -2.68 -28.20 0.01
CA SER C 53 -1.91 -27.83 1.19
C SER C 53 -1.05 -29.00 1.62
N ARG C 54 0.25 -28.77 1.76
CA ARG C 54 1.16 -29.82 2.23
C ARG C 54 1.85 -29.38 3.52
N GLN C 55 2.26 -30.35 4.32
CA GLN C 55 2.95 -30.05 5.57
C GLN C 55 4.46 -30.15 5.41
N TYR C 56 5.17 -29.14 5.90
CA TYR C 56 6.63 -29.12 5.88
C TYR C 56 7.16 -28.76 7.25
N THR C 57 8.19 -29.47 7.71
CA THR C 57 8.86 -29.09 8.93
C THR C 57 10.01 -28.14 8.61
N LEU C 58 9.86 -26.88 8.98
CA LEU C 58 10.88 -25.88 8.69
C LEU C 58 11.46 -25.34 9.99
N PHE C 59 12.76 -25.56 10.18
CA PHE C 59 13.47 -25.11 11.37
C PHE C 59 12.76 -25.58 12.63
N GLY C 60 12.27 -26.81 12.60
CA GLY C 60 11.61 -27.41 13.74
C GLY C 60 10.12 -27.16 13.81
N GLU C 61 9.66 -26.13 13.11
CA GLU C 61 8.26 -25.71 13.16
C GLU C 61 7.44 -26.37 12.05
N THR C 62 6.34 -27.02 12.40
CA THR C 62 5.45 -27.55 11.37
C THR C 62 4.68 -26.42 10.71
N LYS C 63 4.68 -26.41 9.38
CA LYS C 63 4.04 -25.36 8.60
C LYS C 63 3.15 -25.99 7.54
N GLN C 64 1.98 -25.41 7.34
CA GLN C 64 1.11 -25.81 6.25
C GLN C 64 1.31 -24.82 5.11
N ILE C 65 1.70 -25.32 3.94
CA ILE C 65 1.98 -24.45 2.81
C ILE C 65 1.26 -24.94 1.56
N THR C 66 0.57 -24.02 0.90
CA THR C 66 -0.15 -24.31 -0.32
C THR C 66 0.79 -24.34 -1.53
N VAL C 67 0.83 -25.47 -2.21
CA VAL C 67 1.69 -25.62 -3.38
C VAL C 67 0.89 -26.11 -4.58
N GLU C 68 1.49 -25.91 -5.75
CA GLU C 68 0.86 -26.25 -7.01
C GLU C 68 1.96 -26.33 -8.07
N ASN C 69 1.80 -27.24 -9.04
CA ASN C 69 2.76 -27.33 -10.12
C ASN C 69 2.10 -27.80 -11.41
N ASN C 70 1.65 -26.84 -12.23
CA ASN C 70 0.97 -27.16 -13.47
C ASN C 70 1.96 -27.28 -14.63
N THR C 71 3.16 -27.76 -14.34
CA THR C 71 4.17 -27.93 -15.37
C THR C 71 4.70 -29.37 -15.37
N ASN C 72 5.46 -29.71 -16.40
CA ASN C 72 6.10 -31.02 -16.49
C ASN C 72 7.50 -31.00 -15.90
N LYS C 73 7.82 -29.91 -15.21
CA LYS C 73 9.12 -29.77 -14.58
C LYS C 73 9.00 -29.77 -13.06
N TRP C 74 10.13 -29.94 -12.39
CA TRP C 74 10.18 -29.88 -10.94
C TRP C 74 10.12 -28.43 -10.49
N LYS C 75 9.49 -28.18 -9.35
CA LYS C 75 9.32 -26.82 -8.88
C LYS C 75 9.95 -26.64 -7.49
N PHE C 76 10.93 -25.74 -7.38
CA PHE C 76 11.51 -25.37 -6.09
C PHE C 76 10.83 -24.09 -5.60
N TYR C 77 10.10 -24.18 -4.50
CA TYR C 77 9.56 -23.02 -3.80
C TYR C 77 10.63 -22.44 -2.89
N GLU C 78 10.99 -21.19 -3.10
CA GLU C 78 11.85 -20.49 -2.17
C GLU C 78 10.99 -19.71 -1.19
N MET C 79 10.93 -20.24 0.04
CA MET C 79 10.23 -19.66 1.18
C MET C 79 11.19 -18.82 2.01
N PHE C 80 10.73 -17.66 2.48
CA PHE C 80 11.64 -16.73 3.13
C PHE C 80 10.96 -15.93 4.24
N ARG C 81 11.73 -15.63 5.28
CA ARG C 81 11.32 -14.60 6.24
C ARG C 81 12.57 -13.94 6.81
N ASN C 82 12.41 -12.71 7.32
CA ASN C 82 13.56 -12.00 7.87
C ASN C 82 13.44 -11.72 9.37
N SER C 83 12.51 -12.40 10.04
CA SER C 83 12.45 -12.36 11.50
C SER C 83 11.83 -13.65 12.01
N ALA C 84 12.18 -14.03 13.24
CA ALA C 84 11.75 -15.31 13.79
C ALA C 84 10.25 -15.38 14.04
N SER C 85 9.65 -14.21 14.29
CA SER C 85 8.24 -14.18 14.65
C SER C 85 7.34 -14.25 13.43
N ALA C 86 7.90 -14.03 12.25
CA ALA C 86 7.10 -13.93 11.03
C ALA C 86 6.74 -15.29 10.44
N GLU C 87 5.69 -15.33 9.63
CA GLU C 87 5.41 -16.53 8.86
C GLU C 87 6.23 -16.49 7.57
N PHE C 88 6.46 -17.66 6.97
CA PHE C 88 7.18 -17.69 5.71
C PHE C 88 6.33 -17.17 4.55
N GLN C 89 6.97 -16.45 3.65
CA GLN C 89 6.31 -16.06 2.40
C GLN C 89 7.00 -16.76 1.24
N HIS C 90 6.21 -17.13 0.24
CA HIS C 90 6.75 -17.69 -0.99
C HIS C 90 7.38 -16.54 -1.76
N LYS C 91 8.71 -16.52 -1.81
CA LYS C 91 9.44 -15.37 -2.33
C LYS C 91 9.79 -15.55 -3.79
N ARG C 92 10.32 -16.72 -4.13
CA ARG C 92 10.72 -16.95 -5.51
C ARG C 92 10.46 -18.38 -5.92
N THR C 93 10.47 -18.65 -7.23
CA THR C 93 10.30 -20.01 -7.74
C THR C 93 11.38 -20.36 -8.75
N LEU C 94 11.87 -21.60 -8.68
CA LEU C 94 12.73 -22.13 -9.72
C LEU C 94 12.04 -23.33 -10.36
N THR C 95 11.80 -23.27 -11.67
CA THR C 95 11.17 -24.36 -12.40
C THR C 95 12.22 -25.06 -13.25
N SER C 96 12.38 -26.36 -13.06
CA SER C 96 13.61 -27.04 -13.50
C SER C 96 13.39 -28.43 -14.11
N ASP C 97 14.00 -28.68 -15.25
CA ASP C 97 13.98 -30.03 -15.83
C ASP C 97 15.26 -30.79 -15.46
N THR C 98 16.16 -30.14 -14.72
CA THR C 98 17.39 -30.79 -14.27
C THR C 98 17.31 -31.24 -12.83
N LYS C 99 16.31 -30.71 -12.11
CA LYS C 99 16.11 -30.99 -10.68
C LYS C 99 17.35 -30.63 -9.85
N LEU C 100 18.00 -29.53 -10.22
CA LEU C 100 19.15 -29.03 -9.46
C LEU C 100 18.84 -27.64 -8.92
N ALA C 101 19.31 -27.34 -7.71
CA ALA C 101 19.15 -25.98 -7.20
C ALA C 101 20.46 -25.49 -6.60
N GLY C 102 20.53 -24.22 -6.21
CA GLY C 102 21.78 -23.67 -5.72
C GLY C 102 21.64 -22.77 -4.52
N PHE C 103 22.73 -22.61 -3.78
CA PHE C 103 22.79 -21.71 -2.63
C PHE C 103 24.18 -21.11 -2.57
N LEU C 104 24.28 -19.79 -2.43
CA LEU C 104 25.60 -19.16 -2.32
C LEU C 104 25.60 -18.04 -1.29
N LYS C 105 26.67 -17.96 -0.49
CA LYS C 105 26.87 -16.81 0.36
C LYS C 105 27.93 -15.91 -0.26
N HIS C 106 27.54 -14.68 -0.61
CA HIS C 106 28.51 -13.75 -1.21
C HIS C 106 28.10 -12.28 -1.09
N GLY C 107 29.07 -11.43 -0.79
CA GLY C 107 28.88 -9.99 -0.81
C GLY C 107 27.70 -9.48 0.00
N GLY C 108 27.60 -9.91 1.25
CA GLY C 108 26.56 -9.46 2.15
C GLY C 108 25.19 -9.98 1.76
N ARG C 109 25.17 -11.00 0.89
CA ARG C 109 23.91 -11.48 0.37
C ARG C 109 23.85 -13.00 0.29
N VAL C 110 22.64 -13.54 0.41
CA VAL C 110 22.40 -14.95 0.12
C VAL C 110 21.78 -15.08 -1.28
N TRP C 111 22.37 -15.93 -2.12
CA TRP C 111 21.96 -16.07 -3.51
C TRP C 111 21.32 -17.42 -3.82
N THR C 112 20.24 -17.37 -4.60
CA THR C 112 19.56 -18.56 -5.09
C THR C 112 19.25 -18.42 -6.58
N PHE C 113 18.96 -19.53 -7.25
CA PHE C 113 18.51 -19.49 -8.63
C PHE C 113 16.99 -19.41 -8.69
N TYR C 114 16.49 -18.75 -9.72
CA TYR C 114 15.05 -18.63 -9.94
C TYR C 114 14.79 -18.55 -11.44
N GLY C 115 13.52 -18.66 -11.81
CA GLY C 115 13.13 -18.62 -13.21
C GLY C 115 12.83 -20.01 -13.70
N GLU C 116 13.13 -20.27 -14.97
CA GLU C 116 12.88 -21.60 -15.54
C GLU C 116 14.05 -22.02 -16.42
N THR C 117 14.51 -23.26 -16.24
CA THR C 117 15.57 -23.81 -17.08
C THR C 117 15.10 -23.81 -18.54
N PRO C 118 16.03 -23.59 -19.48
CA PRO C 118 17.46 -23.41 -19.33
C PRO C 118 17.88 -21.95 -19.16
N HIS C 119 16.97 -21.10 -18.69
CA HIS C 119 17.28 -19.69 -18.53
C HIS C 119 17.15 -19.21 -17.09
N ALA C 120 17.37 -20.09 -16.13
CA ALA C 120 17.33 -19.68 -14.73
C ALA C 120 18.52 -18.79 -14.44
N THR C 121 18.34 -17.83 -13.53
CA THR C 121 19.43 -16.93 -13.17
C THR C 121 19.40 -16.69 -11.66
N THR C 122 20.29 -15.83 -11.16
CA THR C 122 20.43 -15.69 -9.71
C THR C 122 19.77 -14.42 -9.18
N ASP C 123 19.35 -14.48 -7.92
CA ASP C 123 18.84 -13.31 -7.20
C ASP C 123 19.16 -13.48 -5.72
N TYR C 124 19.03 -12.39 -4.97
CA TYR C 124 19.55 -12.35 -3.62
C TYR C 124 18.53 -12.00 -2.54
N SER C 125 18.91 -12.30 -1.31
CA SER C 125 18.26 -11.76 -0.13
C SER C 125 19.36 -11.08 0.67
N SER C 126 19.04 -9.94 1.25
CA SER C 126 20.00 -9.13 1.98
C SER C 126 20.14 -9.59 3.43
N THR C 127 21.33 -9.42 3.99
CA THR C 127 21.55 -9.74 5.40
C THR C 127 22.68 -8.89 5.97
N SER C 128 22.57 -8.55 7.25
CA SER C 128 23.64 -7.86 7.96
C SER C 128 24.52 -8.86 8.69
N ASN C 129 24.20 -10.14 8.52
CA ASN C 129 24.81 -11.22 9.30
C ASN C 129 25.07 -12.45 8.43
N LEU C 130 25.80 -12.26 7.33
CA LEU C 130 26.00 -13.31 6.35
C LEU C 130 26.81 -14.50 6.87
N SER C 131 27.89 -14.22 7.58
CA SER C 131 28.80 -15.28 8.01
C SER C 131 28.14 -16.30 8.93
N GLU C 132 27.06 -15.90 9.61
CA GLU C 132 26.37 -16.80 10.52
C GLU C 132 25.29 -17.65 9.84
N VAL C 133 25.10 -17.46 8.54
CA VAL C 133 24.10 -18.28 7.84
C VAL C 133 24.56 -19.74 7.73
N GLU C 134 23.83 -20.61 8.43
CA GLU C 134 24.11 -22.03 8.46
C GLU C 134 23.06 -22.77 7.66
N THR C 135 23.48 -23.80 6.93
CA THR C 135 22.55 -24.57 6.11
C THR C 135 22.46 -26.03 6.54
N VAL C 136 21.23 -26.47 6.76
CA VAL C 136 20.90 -27.89 6.79
C VAL C 136 20.55 -28.33 5.37
N ILE C 137 21.42 -29.14 4.79
CA ILE C 137 21.25 -29.65 3.45
C ILE C 137 20.76 -31.10 3.54
N ARG C 138 19.59 -31.34 2.96
CA ARG C 138 18.92 -32.62 3.13
C ARG C 138 19.07 -33.51 1.91
N THR C 139 19.87 -33.05 0.95
CA THR C 139 20.13 -33.79 -0.28
C THR C 139 21.63 -34.00 -0.48
N GLU C 140 21.98 -34.87 -1.43
CA GLU C 140 23.36 -34.89 -1.91
C GLU C 140 23.66 -33.54 -2.55
N PHE C 141 24.90 -33.08 -2.41
CA PHE C 141 25.26 -31.80 -3.00
C PHE C 141 26.70 -31.76 -3.47
N TYR C 142 27.00 -30.75 -4.30
CA TYR C 142 28.35 -30.50 -4.77
C TYR C 142 28.77 -29.10 -4.36
N ILE C 143 30.07 -28.84 -4.44
CA ILE C 143 30.60 -27.53 -4.11
C ILE C 143 31.36 -26.97 -5.30
N ILE C 144 31.01 -25.76 -5.72
CA ILE C 144 31.62 -25.12 -6.88
C ILE C 144 32.06 -23.70 -6.56
N PRO C 145 33.36 -23.40 -6.73
CA PRO C 145 33.85 -22.05 -6.46
C PRO C 145 33.09 -20.99 -7.26
N ARG C 146 32.91 -19.81 -6.68
CA ARG C 146 32.17 -18.73 -7.35
C ARG C 146 32.87 -18.31 -8.65
N SER C 147 34.19 -18.44 -8.68
CA SER C 147 34.97 -18.15 -9.88
C SER C 147 34.54 -19.05 -11.04
N GLN C 148 33.89 -20.16 -10.70
CA GLN C 148 33.35 -21.06 -11.71
C GLN C 148 31.82 -21.06 -11.74
N GLU C 149 31.20 -19.95 -11.37
CA GLU C 149 29.74 -19.85 -11.35
C GLU C 149 29.16 -20.16 -12.73
N SER C 150 29.91 -19.80 -13.77
CA SER C 150 29.54 -20.10 -15.15
C SER C 150 29.20 -21.57 -15.34
N LYS C 151 29.98 -22.44 -14.70
CA LYS C 151 29.71 -23.87 -14.78
C LYS C 151 28.50 -24.24 -13.92
N CYS C 152 28.42 -23.66 -12.74
CA CYS C 152 27.29 -23.90 -11.85
C CYS C 152 26.00 -23.58 -12.61
N ASN C 153 25.96 -22.38 -13.20
CA ASN C 153 24.84 -21.95 -14.04
C ASN C 153 24.51 -23.03 -15.07
N GLU C 154 25.54 -23.49 -15.77
CA GLU C 154 25.38 -24.53 -16.78
C GLU C 154 24.71 -25.75 -16.18
N TYR C 155 25.23 -26.21 -15.04
CA TYR C 155 24.68 -27.39 -14.38
C TYR C 155 23.23 -27.15 -14.02
N ILE C 156 22.95 -25.96 -13.51
CA ILE C 156 21.60 -25.62 -13.09
C ILE C 156 20.67 -25.71 -14.29
N ASN C 157 21.14 -25.24 -15.45
CA ASN C 157 20.23 -25.05 -16.56
C ASN C 157 20.19 -26.20 -17.56
N THR C 158 21.25 -27.00 -17.65
CA THR C 158 21.26 -28.11 -18.60
C THR C 158 21.64 -29.46 -17.97
N GLY C 159 22.06 -29.44 -16.71
CA GLY C 159 22.25 -30.66 -15.96
C GLY C 159 23.69 -31.13 -15.82
N LEU C 160 23.87 -32.22 -15.08
CA LEU C 160 25.17 -32.86 -14.93
C LEU C 160 25.39 -33.89 -16.02
N VAL D 1 -41.51 -8.32 6.65
CA VAL D 1 -40.80 -9.37 7.38
C VAL D 1 -39.35 -8.98 7.59
N LEU D 2 -38.76 -9.47 8.67
CA LEU D 2 -37.33 -9.29 9.00
C LEU D 2 -37.06 -7.83 9.36
N ASP D 3 -36.82 -7.61 10.65
CA ASP D 3 -36.80 -6.31 11.30
C ASP D 3 -35.49 -5.55 11.06
N GLY D 4 -35.54 -4.54 10.20
CA GLY D 4 -34.36 -3.74 9.90
C GLY D 4 -34.40 -3.18 8.48
N PRO D 5 -33.27 -2.60 8.02
CA PRO D 5 -31.99 -2.49 8.73
C PRO D 5 -31.92 -1.34 9.72
N TYR D 6 -31.29 -1.58 10.86
CA TYR D 6 -31.03 -0.54 11.84
C TYR D 6 -29.62 0.01 11.68
N GLN D 7 -29.42 1.26 12.08
CA GLN D 7 -28.11 1.90 11.98
C GLN D 7 -27.22 1.50 13.15
N PRO D 8 -25.89 1.64 12.99
CA PRO D 8 -24.95 1.36 14.08
C PRO D 8 -25.34 2.04 15.39
N THR D 9 -25.36 1.28 16.47
CA THR D 9 -25.87 1.80 17.73
C THR D 9 -25.31 1.03 18.91
N ARG D 10 -25.43 1.61 20.10
CA ARG D 10 -25.00 0.96 21.32
C ARG D 10 -26.21 0.73 22.22
N PHE D 11 -26.45 -0.52 22.61
CA PHE D 11 -27.57 -0.83 23.49
C PHE D 11 -27.47 -2.23 24.06
N LYS D 12 -28.28 -2.50 25.09
CA LYS D 12 -28.35 -3.84 25.68
C LYS D 12 -29.46 -4.64 25.01
N PRO D 13 -29.08 -5.60 24.16
CA PRO D 13 -30.09 -6.36 23.40
C PRO D 13 -30.94 -7.24 24.31
N PRO D 14 -32.26 -7.26 24.06
CA PRO D 14 -33.14 -8.14 24.81
C PRO D 14 -32.79 -9.61 24.58
N ASN D 15 -33.00 -10.45 25.59
CA ASN D 15 -32.76 -11.88 25.46
C ASN D 15 -33.59 -12.48 24.33
N ASP D 16 -33.09 -13.57 23.75
CA ASP D 16 -33.77 -14.31 22.69
C ASP D 16 -34.03 -13.47 21.43
N TYR D 17 -33.14 -12.52 21.16
CA TYR D 17 -33.20 -11.77 19.91
C TYR D 17 -31.85 -11.77 19.20
N TRP D 18 -31.82 -12.37 18.01
CA TRP D 18 -30.61 -12.38 17.18
C TRP D 18 -30.34 -11.02 16.55
N ILE D 19 -29.13 -10.52 16.80
CA ILE D 19 -28.59 -9.41 16.05
C ILE D 19 -27.88 -9.98 14.83
N LEU D 20 -28.42 -9.68 13.65
CA LEU D 20 -27.81 -10.09 12.40
C LEU D 20 -27.02 -8.95 11.82
N LEU D 21 -25.69 -9.04 11.92
CA LEU D 21 -24.77 -7.98 11.53
C LEU D 21 -24.45 -8.03 10.05
N SER D 22 -24.60 -6.87 9.39
CA SER D 22 -24.35 -6.75 7.97
C SER D 22 -23.32 -5.65 7.65
N PRO D 23 -22.03 -5.96 7.85
CA PRO D 23 -20.94 -5.00 7.65
C PRO D 23 -20.69 -4.63 6.19
N THR D 24 -20.02 -3.49 6.00
CA THR D 24 -19.43 -3.14 4.71
C THR D 24 -17.95 -3.45 4.75
N ASN D 25 -17.19 -2.61 5.46
CA ASN D 25 -15.75 -2.81 5.59
C ASN D 25 -15.22 -2.41 6.97
N GLN D 26 -16.11 -2.33 7.96
CA GLN D 26 -15.70 -1.97 9.31
C GLN D 26 -14.68 -2.96 9.85
N GLN D 27 -13.63 -2.45 10.49
CA GLN D 27 -12.59 -3.29 11.08
C GLN D 27 -13.15 -4.08 12.26
N VAL D 28 -13.90 -3.40 13.10
CA VAL D 28 -14.56 -4.02 14.25
C VAL D 28 -16.07 -3.91 14.06
N VAL D 29 -16.73 -5.06 14.07
CA VAL D 29 -18.15 -5.16 13.75
C VAL D 29 -19.02 -5.06 15.01
N LEU D 30 -18.52 -5.62 16.10
CA LEU D 30 -19.28 -5.66 17.34
C LEU D 30 -18.34 -5.70 18.54
N GLU D 31 -18.73 -4.99 19.60
CA GLU D 31 -18.04 -5.05 20.89
C GLU D 31 -19.07 -5.23 21.99
N GLY D 32 -19.11 -6.41 22.60
CA GLY D 32 -20.09 -6.68 23.63
C GLY D 32 -19.44 -6.99 24.96
N THR D 33 -19.97 -6.40 26.03
CA THR D 33 -19.42 -6.68 27.36
C THR D 33 -20.43 -6.41 28.48
N ASN D 34 -20.25 -7.13 29.59
CA ASN D 34 -21.00 -6.85 30.81
C ASN D 34 -20.07 -6.29 31.87
N ARG D 35 -18.82 -6.03 31.47
CA ARG D 35 -17.77 -5.51 32.34
C ARG D 35 -17.49 -6.38 33.57
N THR D 36 -17.93 -7.64 33.53
CA THR D 36 -17.66 -8.55 34.63
C THR D 36 -16.94 -9.82 34.14
N ASP D 37 -17.61 -10.64 33.34
CA ASP D 37 -16.97 -11.88 32.88
C ASP D 37 -17.11 -12.14 31.37
N VAL D 38 -17.57 -11.14 30.64
CA VAL D 38 -17.70 -11.27 29.19
C VAL D 38 -17.18 -10.05 28.44
N TRP D 39 -16.14 -10.26 27.63
CA TRP D 39 -15.74 -9.29 26.61
C TRP D 39 -15.62 -10.05 25.30
N VAL D 40 -16.45 -9.69 24.32
CA VAL D 40 -16.39 -10.33 23.01
C VAL D 40 -16.35 -9.26 21.92
N ALA D 41 -15.42 -9.42 20.98
CA ALA D 41 -15.35 -8.52 19.84
C ALA D 41 -15.24 -9.32 18.55
N LEU D 42 -15.94 -8.88 17.51
CA LEU D 42 -15.84 -9.53 16.21
C LEU D 42 -15.06 -8.61 15.30
N LEU D 43 -13.91 -9.09 14.82
CA LEU D 43 -13.08 -8.34 13.87
C LEU D 43 -13.38 -8.86 12.47
N LEU D 44 -13.34 -7.99 11.47
CA LEU D 44 -13.60 -8.43 10.10
C LEU D 44 -12.32 -8.35 9.26
N VAL D 45 -11.94 -9.49 8.69
CA VAL D 45 -10.76 -9.59 7.84
C VAL D 45 -11.17 -9.94 6.41
N GLU D 46 -10.75 -9.11 5.47
CA GLU D 46 -11.12 -9.26 4.06
C GLU D 46 -10.42 -10.47 3.44
N PRO D 47 -10.87 -10.91 2.25
CA PRO D 47 -10.23 -12.07 1.61
C PRO D 47 -8.75 -11.87 1.28
N ASN D 48 -8.01 -12.97 1.32
CA ASN D 48 -6.63 -13.05 0.85
C ASN D 48 -5.70 -12.05 1.54
N VAL D 49 -5.67 -12.13 2.86
CA VAL D 49 -4.78 -11.31 3.67
C VAL D 49 -3.62 -12.14 4.19
N THR D 50 -2.40 -11.74 3.83
CA THR D 50 -1.21 -12.42 4.31
C THR D 50 -1.06 -12.18 5.80
N ASN D 51 -0.52 -13.17 6.52
CA ASN D 51 -0.35 -13.08 7.97
C ASN D 51 0.29 -11.77 8.36
N GLN D 52 -0.41 -11.00 9.20
CA GLN D 52 0.07 -9.67 9.58
C GLN D 52 -0.57 -9.17 10.87
N SER D 53 0.16 -8.34 11.59
CA SER D 53 -0.36 -7.77 12.82
C SER D 53 -1.10 -6.47 12.52
N ARG D 54 -2.35 -6.39 12.94
CA ARG D 54 -3.17 -5.20 12.75
C ARG D 54 -3.60 -4.63 14.08
N GLN D 55 -3.79 -3.31 14.08
CA GLN D 55 -4.28 -2.58 15.22
C GLN D 55 -5.82 -2.33 15.22
N TYR D 56 -6.42 -2.70 16.35
CA TYR D 56 -7.86 -2.59 16.58
C TYR D 56 -8.10 -1.86 17.90
N THR D 57 -9.14 -1.05 17.95
CA THR D 57 -9.54 -0.44 19.22
C THR D 57 -10.68 -1.23 19.80
N LEU D 58 -10.41 -1.93 20.90
CA LEU D 58 -11.43 -2.75 21.56
C LEU D 58 -11.72 -2.23 22.96
N PHE D 59 -12.97 -1.82 23.18
CA PHE D 59 -13.41 -1.28 24.47
C PHE D 59 -12.49 -0.16 24.94
N GLY D 60 -12.14 0.73 24.02
CA GLY D 60 -11.31 1.87 24.32
C GLY D 60 -9.81 1.57 24.43
N GLU D 61 -9.46 0.30 24.29
CA GLU D 61 -8.08 -0.14 24.43
C GLU D 61 -7.45 -0.46 23.07
N THR D 62 -6.28 0.11 22.81
CA THR D 62 -5.57 -0.20 21.58
C THR D 62 -4.89 -1.57 21.66
N LYS D 63 -5.15 -2.42 20.67
CA LYS D 63 -4.60 -3.77 20.65
C LYS D 63 -3.96 -4.10 19.30
N GLN D 64 -2.89 -4.88 19.35
CA GLN D 64 -2.26 -5.43 18.15
C GLN D 64 -2.61 -6.91 18.07
N ILE D 65 -3.28 -7.30 16.99
CA ILE D 65 -3.78 -8.65 16.81
C ILE D 65 -3.34 -9.19 15.46
N THR D 66 -2.73 -10.37 15.48
CA THR D 66 -2.28 -11.02 14.26
C THR D 66 -3.45 -11.67 13.53
N VAL D 67 -3.65 -11.29 12.29
CA VAL D 67 -4.73 -11.83 11.48
C VAL D 67 -4.19 -12.42 10.19
N GLU D 68 -4.99 -13.29 9.59
CA GLU D 68 -4.62 -13.99 8.39
C GLU D 68 -5.90 -14.49 7.73
N ASN D 69 -5.93 -14.48 6.40
CA ASN D 69 -7.07 -15.03 5.68
C ASN D 69 -6.63 -15.51 4.31
N ASN D 70 -6.30 -16.78 4.20
CA ASN D 70 -5.84 -17.32 2.92
C ASN D 70 -6.98 -17.87 2.07
N THR D 71 -8.18 -17.31 2.25
CA THR D 71 -9.35 -17.75 1.50
C THR D 71 -9.93 -16.62 0.68
N ASN D 72 -10.87 -16.96 -0.19
CA ASN D 72 -11.60 -15.97 -0.98
C ASN D 72 -12.87 -15.51 -0.24
N LYS D 73 -13.00 -15.96 1.01
CA LYS D 73 -14.12 -15.56 1.84
C LYS D 73 -13.69 -14.52 2.88
N TRP D 74 -14.67 -13.89 3.51
CA TRP D 74 -14.42 -12.96 4.62
C TRP D 74 -14.28 -13.75 5.92
N LYS D 75 -13.43 -13.29 6.83
CA LYS D 75 -13.32 -13.98 8.11
C LYS D 75 -13.69 -13.06 9.27
N PHE D 76 -14.63 -13.51 10.10
CA PHE D 76 -14.91 -12.86 11.37
C PHE D 76 -14.10 -13.53 12.46
N TYR D 77 -13.13 -12.80 13.01
CA TYR D 77 -12.40 -13.24 14.20
C TYR D 77 -13.22 -12.95 15.44
N GLU D 78 -13.53 -14.00 16.20
CA GLU D 78 -14.17 -13.82 17.50
C GLU D 78 -13.10 -13.83 18.59
N MET D 79 -12.86 -12.62 19.12
CA MET D 79 -11.93 -12.35 20.21
C MET D 79 -12.70 -12.34 21.53
N PHE D 80 -12.13 -12.96 22.55
CA PHE D 80 -12.84 -13.14 23.81
C PHE D 80 -11.92 -13.04 25.02
N ARG D 81 -12.46 -12.52 26.12
CA ARG D 81 -11.79 -12.62 27.42
C ARG D 81 -12.87 -12.59 28.52
N ASN D 82 -12.53 -13.13 29.69
CA ASN D 82 -13.51 -13.22 30.77
C ASN D 82 -13.11 -12.42 32.01
N SER D 83 -12.08 -11.58 31.88
CA SER D 83 -11.70 -10.67 32.95
C SER D 83 -11.15 -9.39 32.33
N ALA D 84 -11.31 -8.28 33.05
CA ALA D 84 -10.93 -6.97 32.53
C ALA D 84 -9.42 -6.83 32.35
N SER D 85 -8.66 -7.61 33.11
CA SER D 85 -7.21 -7.50 33.10
C SER D 85 -6.55 -8.39 32.05
N ALA D 86 -7.29 -9.37 31.54
CA ALA D 86 -6.71 -10.34 30.63
C ALA D 86 -6.55 -9.78 29.22
N GLU D 87 -5.76 -10.45 28.40
CA GLU D 87 -5.65 -10.12 27.00
C GLU D 87 -6.72 -10.90 26.24
N PHE D 88 -7.03 -10.46 25.02
CA PHE D 88 -8.02 -11.14 24.21
C PHE D 88 -7.44 -12.39 23.55
N GLN D 89 -8.21 -13.46 23.55
CA GLN D 89 -7.85 -14.67 22.82
C GLN D 89 -8.69 -14.79 21.57
N HIS D 90 -8.07 -15.24 20.49
CA HIS D 90 -8.83 -15.58 19.30
C HIS D 90 -9.57 -16.88 19.57
N LYS D 91 -10.84 -16.77 19.93
CA LYS D 91 -11.62 -17.91 20.40
C LYS D 91 -12.29 -18.67 19.27
N ARG D 92 -12.88 -17.94 18.32
CA ARG D 92 -13.57 -18.63 17.21
C ARG D 92 -13.38 -17.90 15.89
N THR D 93 -13.74 -18.55 14.79
CA THR D 93 -13.72 -17.91 13.48
C THR D 93 -14.95 -18.27 12.66
N LEU D 94 -15.52 -17.27 12.00
CA LEU D 94 -16.60 -17.50 11.05
C LEU D 94 -16.10 -17.16 9.64
N THR D 95 -16.07 -18.15 8.75
CA THR D 95 -15.57 -17.94 7.40
C THR D 95 -16.74 -17.91 6.42
N SER D 96 -16.94 -16.77 5.75
CA SER D 96 -18.23 -16.44 5.15
C SER D 96 -18.15 -15.79 3.77
N ASP D 97 -18.96 -16.24 2.83
CA ASP D 97 -19.07 -15.53 1.56
C ASP D 97 -20.33 -14.65 1.55
N THR D 98 -21.05 -14.63 2.66
CA THR D 98 -22.24 -13.77 2.79
C THR D 98 -21.90 -12.49 3.52
N LYS D 99 -20.81 -12.52 4.27
CA LYS D 99 -20.37 -11.40 5.11
C LYS D 99 -21.43 -10.98 6.13
N LEU D 100 -22.13 -11.96 6.69
CA LEU D 100 -23.11 -11.70 7.74
C LEU D 100 -22.65 -12.39 9.02
N ALA D 101 -22.89 -11.76 10.16
CA ALA D 101 -22.55 -12.38 11.43
C ALA D 101 -23.72 -12.33 12.40
N GLY D 102 -23.59 -12.98 13.56
CA GLY D 102 -24.69 -13.02 14.50
C GLY D 102 -24.31 -12.86 15.96
N PHE D 103 -25.23 -12.33 16.75
CA PHE D 103 -25.04 -12.24 18.19
C PHE D 103 -26.37 -12.52 18.90
N LEU D 104 -26.35 -13.36 19.91
CA LEU D 104 -27.57 -13.67 20.66
C LEU D 104 -27.33 -13.77 22.16
N LYS D 105 -28.27 -13.25 22.95
CA LYS D 105 -28.25 -13.45 24.39
C LYS D 105 -29.34 -14.46 24.75
N HIS D 106 -28.94 -15.61 25.31
CA HIS D 106 -29.90 -16.67 25.62
C HIS D 106 -29.36 -17.74 26.56
N GLY D 107 -30.19 -18.13 27.52
CA GLY D 107 -29.89 -19.23 28.42
C GLY D 107 -28.60 -19.06 29.22
N GLY D 108 -28.43 -17.87 29.79
CA GLY D 108 -27.22 -17.57 30.54
C GLY D 108 -25.96 -17.62 29.69
N ARG D 109 -26.14 -17.55 28.38
CA ARG D 109 -25.03 -17.67 27.45
C ARG D 109 -25.07 -16.64 26.33
N VAL D 110 -23.89 -16.30 25.82
CA VAL D 110 -23.75 -15.45 24.64
C VAL D 110 -23.44 -16.32 23.43
N TRP D 111 -24.25 -16.20 22.38
CA TRP D 111 -24.13 -17.05 21.20
C TRP D 111 -23.62 -16.31 19.98
N THR D 112 -22.72 -16.96 19.26
CA THR D 112 -22.21 -16.44 17.99
C THR D 112 -22.19 -17.56 16.96
N PHE D 113 -21.98 -17.20 15.70
CA PHE D 113 -21.81 -18.19 14.64
C PHE D 113 -20.34 -18.45 14.39
N TYR D 114 -20.03 -19.68 13.98
CA TYR D 114 -18.66 -20.08 13.66
C TYR D 114 -18.69 -21.17 12.59
N GLY D 115 -17.52 -21.47 12.04
CA GLY D 115 -17.42 -22.45 10.96
C GLY D 115 -17.37 -21.75 9.61
N GLU D 116 -17.58 -22.53 8.55
CA GLU D 116 -17.55 -21.98 7.20
C GLU D 116 -18.89 -22.14 6.49
N THR D 117 -19.35 -21.06 5.87
CA THR D 117 -20.58 -21.10 5.09
C THR D 117 -20.40 -22.08 3.92
N PRO D 118 -21.48 -22.75 3.50
CA PRO D 118 -22.86 -22.63 4.00
C PRO D 118 -23.18 -23.54 5.18
N HIS D 119 -22.17 -23.98 5.92
CA HIS D 119 -22.39 -24.87 7.06
C HIS D 119 -21.96 -24.26 8.39
N ALA D 120 -22.14 -22.95 8.53
CA ALA D 120 -21.82 -22.28 9.78
C ALA D 120 -22.90 -22.57 10.82
N THR D 121 -22.50 -22.72 12.07
CA THR D 121 -23.48 -23.01 13.13
C THR D 121 -23.17 -22.21 14.39
N THR D 122 -23.97 -22.36 15.44
CA THR D 122 -23.79 -21.52 16.62
C THR D 122 -22.98 -22.19 17.72
N ASP D 123 -22.30 -21.37 18.52
CA ASP D 123 -21.62 -21.80 19.72
C ASP D 123 -21.75 -20.72 20.78
N TYR D 124 -21.37 -21.04 22.01
CA TYR D 124 -21.63 -20.15 23.13
C TYR D 124 -20.41 -19.79 23.96
N SER D 125 -20.55 -18.73 24.75
CA SER D 125 -19.64 -18.40 25.83
C SER D 125 -20.49 -18.24 27.09
N SER D 126 -19.97 -18.71 28.22
CA SER D 126 -20.73 -18.72 29.46
C SER D 126 -20.60 -17.42 30.24
N THR D 127 -21.65 -17.11 31.01
CA THR D 127 -21.63 -15.93 31.88
C THR D 127 -22.60 -16.08 33.05
N SER D 128 -22.25 -15.46 34.17
CA SER D 128 -23.15 -15.41 35.31
C SER D 128 -23.89 -14.08 35.32
N ASN D 129 -23.66 -13.28 34.29
CA ASN D 129 -24.21 -11.93 34.24
C ASN D 129 -24.65 -11.56 32.82
N LEU D 130 -25.62 -12.30 32.29
CA LEU D 130 -26.04 -12.14 30.91
C LEU D 130 -26.79 -10.84 30.65
N SER D 131 -27.69 -10.47 31.55
CA SER D 131 -28.57 -9.32 31.31
C SER D 131 -27.81 -8.01 31.16
N GLU D 132 -26.64 -7.91 31.77
CA GLU D 132 -25.86 -6.68 31.69
C GLU D 132 -24.93 -6.65 30.48
N VAL D 133 -25.00 -7.67 29.63
CA VAL D 133 -24.22 -7.66 28.40
C VAL D 133 -24.78 -6.61 27.44
N GLU D 134 -23.94 -5.62 27.15
CA GLU D 134 -24.30 -4.51 26.28
C GLU D 134 -23.46 -4.57 25.02
N THR D 135 -24.04 -4.22 23.87
CA THR D 135 -23.32 -4.28 22.62
C THR D 135 -23.22 -2.93 21.90
N VAL D 136 -22.00 -2.61 21.50
CA VAL D 136 -21.75 -1.60 20.50
C VAL D 136 -21.72 -2.28 19.13
N ILE D 137 -22.73 -2.00 18.33
CA ILE D 137 -22.81 -2.52 16.97
C ILE D 137 -22.39 -1.44 15.99
N ARG D 138 -21.32 -1.72 15.23
CA ARG D 138 -20.73 -0.71 14.36
C ARG D 138 -21.15 -0.87 12.91
N THR D 139 -22.08 -1.79 12.66
CA THR D 139 -22.60 -2.01 11.32
C THR D 139 -24.11 -1.86 11.31
N GLU D 140 -24.68 -1.82 10.11
CA GLU D 140 -26.12 -1.98 9.99
C GLU D 140 -26.47 -3.39 10.47
N PHE D 141 -27.63 -3.54 11.09
CA PHE D 141 -28.03 -4.86 11.57
C PHE D 141 -29.53 -5.08 11.48
N TYR D 142 -29.92 -6.32 11.69
CA TYR D 142 -31.32 -6.71 11.71
C TYR D 142 -31.63 -7.42 13.01
N ILE D 143 -32.91 -7.43 13.40
CA ILE D 143 -33.32 -8.13 14.60
C ILE D 143 -34.23 -9.29 14.25
N ILE D 144 -33.83 -10.50 14.64
CA ILE D 144 -34.60 -11.70 14.33
C ILE D 144 -34.89 -12.51 15.59
N PRO D 145 -36.18 -12.71 15.91
CA PRO D 145 -36.60 -13.52 17.07
C PRO D 145 -35.96 -14.91 17.06
N ARG D 146 -35.55 -15.39 18.22
CA ARG D 146 -34.91 -16.70 18.35
C ARG D 146 -35.80 -17.82 17.81
N SER D 147 -37.12 -17.63 17.89
CA SER D 147 -38.07 -18.58 17.33
C SER D 147 -37.94 -18.65 15.82
N GLN D 148 -37.28 -17.66 15.23
CA GLN D 148 -37.00 -17.64 13.80
C GLN D 148 -35.51 -17.88 13.51
N GLU D 149 -34.82 -18.51 14.46
CA GLU D 149 -33.37 -18.74 14.34
C GLU D 149 -32.98 -19.44 13.04
N SER D 150 -33.81 -20.39 12.60
CA SER D 150 -33.50 -21.17 11.40
C SER D 150 -33.47 -20.26 10.17
N LYS D 151 -34.25 -19.18 10.20
CA LYS D 151 -34.17 -18.19 9.14
C LYS D 151 -32.86 -17.42 9.26
N CYS D 152 -32.52 -17.00 10.48
CA CYS D 152 -31.27 -16.31 10.75
C CYS D 152 -30.10 -17.13 10.21
N ASN D 153 -30.07 -18.40 10.60
CA ASN D 153 -29.09 -19.36 10.10
C ASN D 153 -29.02 -19.34 8.58
N GLU D 154 -30.19 -19.42 7.94
CA GLU D 154 -30.28 -19.34 6.50
C GLU D 154 -29.52 -18.11 6.00
N TYR D 155 -29.86 -16.96 6.57
CA TYR D 155 -29.25 -15.71 6.15
C TYR D 155 -27.74 -15.78 6.36
N ILE D 156 -27.33 -16.36 7.48
CA ILE D 156 -25.91 -16.47 7.79
C ILE D 156 -25.17 -17.25 6.71
N ASN D 157 -25.84 -18.29 6.19
CA ASN D 157 -25.15 -19.23 5.32
C ASN D 157 -25.37 -19.05 3.82
N THR D 158 -26.48 -18.45 3.42
CA THR D 158 -26.75 -18.27 2.00
C THR D 158 -27.05 -16.81 1.66
N GLY D 159 -27.13 -15.96 2.67
CA GLY D 159 -27.21 -14.53 2.46
C GLY D 159 -28.62 -13.97 2.38
N LEU D 160 -28.71 -12.68 2.14
CA LEU D 160 -30.01 -12.03 1.99
C LEU D 160 -30.41 -11.96 0.52
C1 GOL E . -2.38 -6.86 -26.54
O1 GOL E . -2.30 -7.26 -27.87
C2 GOL E . -3.67 -6.23 -26.10
O2 GOL E . -4.73 -6.96 -26.63
C3 GOL E . -3.73 -4.84 -26.72
O3 GOL E . -4.35 -3.98 -25.87
C1 GOL F . 6.64 41.05 13.28
O1 GOL F . 5.82 41.37 14.38
C2 GOL F . 6.13 41.81 12.05
O2 GOL F . 6.82 43.05 12.00
C3 GOL F . 4.64 42.03 12.24
O3 GOL F . 4.05 42.45 11.03
C1 GOL G . 26.85 -11.85 -7.88
O1 GOL G . 27.94 -11.81 -7.00
C2 GOL G . 26.32 -13.28 -7.98
O2 GOL G . 27.35 -14.21 -7.69
C3 GOL G . 25.82 -13.47 -9.40
O3 GOL G . 25.21 -14.73 -9.53
#